data_7FTT
#
_entry.id   7FTT
#
_cell.length_a   218.774
_cell.length_b   46.229
_cell.length_c   89.751
_cell.angle_alpha   90.000
_cell.angle_beta   110.390
_cell.angle_gamma   90.000
#
_symmetry.space_group_name_H-M   'C 1 2 1'
#
loop_
_entity.id
_entity.type
_entity.pdbx_description
1 polymer 'Cyclic GMP-AMP synthase'
2 non-polymer 'ZINC ION'
3 non-polymer 5-bromo-N-{[(5P)-2-fluoro-5-(1-methyl-1H-pyrazol-4-yl)phenyl]methyl}-2-hydroxybenzamide
4 water water
#
_entity_poly.entity_id   1
_entity_poly.type   'polypeptide(L)'
_entity_poly.pdbx_seq_one_letter_code
;GASKLRAVLEKLKLSRDDISTAAGMVKGVVDHLLLRLKCDSAFRGVGLLNTGSYYEHVKISAPNEFDVMFKLEVPRIQLE
EYSNTRAYYFVKFKRNPKENPLSQFLEGEILSASKMLSKFRKIIKEEINDIKDTDVIMKRKRGGSPAVTLLISEKISVDI
TLALESKSSWPASTQEGLRIQNWLSAKVRKQLRLKPFYLVPKHAKEGNGFQEETWRLSFSHIEKEILNNHGKSKTCCENK
EEKCCRKDCLKLMKYLLEQLKERFKDKKHLDKFSSYHVKTAFFHVCTQNPQDSQWDRKDLGLCFDNCVTYFLQCLRTEKL
ENYFIPEFNLFSSNLIDKRSKEFLTKQIEYERNNEFPVFDEF
;
_entity_poly.pdbx_strand_id   A,B
#
loop_
_chem_comp.id
_chem_comp.type
_chem_comp.name
_chem_comp.formula
YPU non-polymer 5-bromo-N-{[(5P)-2-fluoro-5-(1-methyl-1H-pyrazol-4-yl)phenyl]methyl}-2-hydroxybenzamide 'C18 H15 Br F N3 O2'
ZN non-polymer 'ZINC ION' 'Zn 2'
#
# COMPACT_ATOMS: atom_id res chain seq x y z
N ALA A 2 8.87 35.53 2.77
CA ALA A 2 8.09 34.39 2.27
C ALA A 2 7.79 34.60 0.80
N SER A 3 7.65 35.87 0.45
CA SER A 3 7.62 36.22 -0.97
C SER A 3 8.96 35.86 -1.61
N LYS A 4 10.06 35.97 -0.86
CA LYS A 4 11.38 35.66 -1.39
C LYS A 4 11.62 34.16 -1.49
N LEU A 5 11.12 33.39 -0.53
CA LEU A 5 11.25 31.94 -0.55
C LEU A 5 10.62 31.34 -1.81
N ARG A 6 9.42 31.76 -2.16
CA ARG A 6 8.82 31.18 -3.37
C ARG A 6 9.60 31.60 -4.60
N ALA A 7 10.31 32.72 -4.55
CA ALA A 7 11.22 33.04 -5.64
C ALA A 7 12.33 31.99 -5.74
N VAL A 8 12.86 31.57 -4.60
CA VAL A 8 13.93 30.59 -4.62
C VAL A 8 13.40 29.25 -5.10
N LEU A 9 12.28 28.80 -4.55
CA LEU A 9 11.68 27.55 -4.99
C LEU A 9 11.41 27.58 -6.49
N GLU A 10 10.92 28.71 -7.00
CA GLU A 10 10.70 28.87 -8.44
C GLU A 10 11.99 28.68 -9.23
N LYS A 11 13.10 29.24 -8.73
CA LYS A 11 14.38 29.15 -9.43
C LYS A 11 14.84 27.71 -9.54
N LEU A 12 14.86 27.00 -8.41
CA LEU A 12 15.25 25.59 -8.39
C LEU A 12 14.45 24.76 -9.40
N LYS A 13 13.17 25.07 -9.58
CA LYS A 13 12.37 24.23 -10.48
C LYS A 13 12.80 24.43 -11.93
N LEU A 14 12.87 25.68 -12.39
CA LEU A 14 13.28 25.97 -13.76
C LEU A 14 14.74 25.62 -14.02
N SER A 15 15.35 24.74 -13.18
CA SER A 15 16.66 24.11 -13.41
C SER A 15 16.58 22.60 -13.23
N ARG A 16 15.76 22.13 -12.28
CA ARG A 16 15.33 20.74 -12.25
C ARG A 16 14.75 20.33 -13.60
N ASP A 17 13.84 21.16 -14.14
CA ASP A 17 12.93 20.75 -15.21
C ASP A 17 13.63 20.63 -16.56
N ASP A 18 14.31 21.68 -16.99
CA ASP A 18 14.51 21.79 -18.42
C ASP A 18 15.49 20.72 -18.93
N ILE A 19 15.57 20.65 -20.26
CA ILE A 19 16.15 19.50 -20.96
C ILE A 19 17.66 19.42 -20.69
N SER A 20 18.15 18.21 -20.44
CA SER A 20 19.57 18.00 -20.20
C SER A 20 19.92 16.55 -20.50
N THR A 21 20.95 16.34 -21.32
CA THR A 21 21.33 15.00 -21.78
C THR A 21 21.94 14.14 -20.69
N ALA A 22 22.11 14.65 -19.47
CA ALA A 22 22.83 13.90 -18.43
C ALA A 22 22.20 12.54 -18.18
N ALA A 23 20.87 12.49 -18.14
CA ALA A 23 20.18 11.22 -17.89
C ALA A 23 20.66 10.13 -18.84
N GLY A 24 20.70 10.41 -20.14
CA GLY A 24 21.13 9.40 -21.10
C GLY A 24 22.53 8.89 -20.79
N MET A 25 23.48 9.81 -20.64
CA MET A 25 24.84 9.41 -20.31
C MET A 25 24.89 8.55 -19.06
N VAL A 26 24.19 8.97 -17.99
CA VAL A 26 24.20 8.20 -16.75
C VAL A 26 23.45 6.89 -16.91
N LYS A 27 22.34 6.89 -17.65
CA LYS A 27 21.62 5.64 -17.90
C LYS A 27 22.53 4.65 -18.64
N GLY A 28 23.20 5.12 -19.69
CA GLY A 28 24.02 4.23 -20.51
C GLY A 28 25.19 3.63 -19.76
N VAL A 29 25.73 4.34 -18.77
CA VAL A 29 26.85 3.78 -18.01
C VAL A 29 26.35 2.85 -16.91
N VAL A 30 25.20 3.13 -16.32
CA VAL A 30 24.78 2.34 -15.17
C VAL A 30 24.33 0.95 -15.60
N ASP A 31 23.68 0.85 -16.77
CA ASP A 31 23.24 -0.45 -17.26
C ASP A 31 24.39 -1.30 -17.79
N HIS A 32 25.45 -0.68 -18.33
CA HIS A 32 26.66 -1.44 -18.63
C HIS A 32 27.23 -2.04 -17.36
N LEU A 33 27.36 -1.22 -16.32
CA LEU A 33 27.89 -1.70 -15.05
C LEU A 33 27.01 -2.80 -14.47
N LEU A 34 25.69 -2.56 -14.43
CA LEU A 34 24.78 -3.56 -13.90
C LEU A 34 24.98 -4.93 -14.56
N LEU A 35 25.18 -4.96 -15.88
CA LEU A 35 25.34 -6.24 -16.58
C LEU A 35 26.65 -6.93 -16.21
N ARG A 36 27.78 -6.27 -16.48
CA ARG A 36 29.09 -6.80 -16.10
C ARG A 36 29.14 -7.17 -14.61
N LEU A 37 28.38 -6.45 -13.77
CA LEU A 37 28.26 -6.80 -12.36
C LEU A 37 27.53 -8.12 -12.17
N LYS A 38 26.32 -8.24 -12.75
CA LYS A 38 25.62 -9.53 -12.74
C LYS A 38 26.47 -10.64 -13.35
N CYS A 39 27.45 -10.31 -14.18
CA CYS A 39 28.31 -11.34 -14.75
C CYS A 39 29.05 -12.11 -13.66
N ASP A 40 29.44 -11.44 -12.58
CA ASP A 40 30.24 -12.07 -11.54
C ASP A 40 29.36 -12.61 -10.41
N SER A 41 29.73 -13.80 -9.91
CA SER A 41 28.83 -14.57 -9.04
C SER A 41 28.52 -13.83 -7.74
N ALA A 42 29.54 -13.27 -7.09
CA ALA A 42 29.33 -12.56 -5.83
C ALA A 42 28.43 -11.35 -5.99
N PHE A 43 28.15 -10.91 -7.20
CA PHE A 43 27.24 -9.79 -7.39
C PHE A 43 26.05 -10.15 -8.27
N ARG A 44 25.78 -11.44 -8.46
CA ARG A 44 24.79 -11.84 -9.46
C ARG A 44 23.44 -11.19 -9.21
N GLY A 45 23.11 -10.91 -7.95
CA GLY A 45 21.85 -10.28 -7.60
C GLY A 45 21.82 -8.76 -7.54
N VAL A 46 22.91 -8.10 -7.94
CA VAL A 46 22.97 -6.64 -7.85
C VAL A 46 21.93 -6.01 -8.78
N GLY A 47 21.30 -4.94 -8.30
CA GLY A 47 20.29 -4.23 -9.07
C GLY A 47 20.03 -2.85 -8.49
N LEU A 48 19.36 -2.03 -9.30
CA LEU A 48 19.05 -0.66 -8.88
C LEU A 48 17.97 -0.65 -7.81
N LEU A 49 18.11 0.27 -6.84
CA LEU A 49 17.11 0.34 -5.80
C LEU A 49 15.75 0.80 -6.30
N ASN A 50 15.68 1.33 -7.53
CA ASN A 50 14.42 1.79 -8.09
C ASN A 50 14.62 1.95 -9.60
N THR A 51 14.22 0.93 -10.36
CA THR A 51 14.36 1.00 -11.80
C THR A 51 13.50 2.12 -12.37
N GLY A 52 14.02 2.76 -13.42
CA GLY A 52 13.47 4.01 -13.88
C GLY A 52 13.86 5.22 -13.05
N SER A 53 14.49 5.00 -11.91
CA SER A 53 15.08 6.10 -11.14
C SER A 53 16.60 6.01 -11.19
N TYR A 54 17.16 6.07 -12.40
CA TYR A 54 18.57 6.37 -12.59
C TYR A 54 18.91 7.79 -12.13
N TYR A 55 17.90 8.60 -11.79
CA TYR A 55 18.05 9.99 -11.40
C TYR A 55 17.59 10.19 -9.96
N GLU A 56 18.55 10.31 -9.04
CA GLU A 56 18.35 10.80 -7.67
C GLU A 56 19.47 11.80 -7.38
N HIS A 57 19.12 13.06 -7.12
CA HIS A 57 20.11 14.11 -6.90
C HIS A 57 20.21 14.42 -5.41
N VAL A 58 21.33 14.02 -4.80
CA VAL A 58 21.59 14.43 -3.42
C VAL A 58 21.63 15.94 -3.32
N LYS A 59 22.41 16.58 -4.20
CA LYS A 59 22.59 18.01 -4.19
C LYS A 59 21.49 18.67 -5.04
N ILE A 60 20.68 19.51 -4.39
CA ILE A 60 19.55 20.17 -5.05
C ILE A 60 19.94 21.46 -5.74
N SER A 61 21.19 21.92 -5.60
CA SER A 61 21.73 23.08 -6.32
C SER A 61 22.49 22.68 -7.58
N ALA A 62 23.50 21.81 -7.47
CA ALA A 62 24.21 21.33 -8.64
C ALA A 62 23.46 20.13 -9.22
N PRO A 63 22.85 20.26 -10.39
CA PRO A 63 22.09 19.14 -10.96
C PRO A 63 22.91 18.32 -11.94
N ASN A 64 24.24 18.46 -11.88
CA ASN A 64 25.12 17.58 -12.64
C ASN A 64 25.64 16.41 -11.81
N GLU A 65 25.47 16.46 -10.50
CA GLU A 65 25.94 15.42 -9.58
C GLU A 65 24.78 14.48 -9.26
N PHE A 66 24.84 13.27 -9.82
CA PHE A 66 23.89 12.18 -9.62
C PHE A 66 24.35 11.23 -8.52
N ASP A 67 23.42 10.42 -8.04
CA ASP A 67 23.75 9.44 -7.00
C ASP A 67 22.78 8.26 -7.07
N VAL A 68 23.31 7.08 -7.40
CA VAL A 68 22.47 5.90 -7.53
C VAL A 68 23.00 4.85 -6.57
N MET A 69 22.12 3.92 -6.21
CA MET A 69 22.44 2.90 -5.24
C MET A 69 22.14 1.52 -5.82
N PHE A 70 23.07 0.59 -5.65
CA PHE A 70 22.90 -0.78 -6.10
C PHE A 70 22.57 -1.66 -4.90
N LYS A 71 21.50 -2.44 -5.01
CA LYS A 71 21.15 -3.38 -3.95
C LYS A 71 21.57 -4.79 -4.33
N LEU A 72 21.79 -5.60 -3.30
CA LEU A 72 22.18 -7.00 -3.46
C LEU A 72 21.60 -7.72 -2.28
N GLU A 73 20.60 -8.59 -2.50
CA GLU A 73 19.97 -9.25 -1.36
C GLU A 73 20.95 -10.20 -0.70
N VAL A 74 20.86 -10.30 0.62
CA VAL A 74 21.63 -11.25 1.41
C VAL A 74 20.70 -12.11 2.27
N PRO A 75 20.20 -13.23 1.75
CA PRO A 75 19.28 -14.07 2.54
C PRO A 75 19.93 -14.56 3.82
N ARG A 76 19.08 -14.88 4.80
CA ARG A 76 19.54 -15.50 6.03
C ARG A 76 20.67 -14.69 6.65
N ILE A 77 20.47 -13.38 6.73
CA ILE A 77 21.43 -12.52 7.39
C ILE A 77 21.37 -12.77 8.90
N GLN A 78 22.53 -12.61 9.56
CA GLN A 78 22.58 -12.57 11.02
C GLN A 78 23.31 -11.29 11.41
N LEU A 79 22.62 -10.40 12.13
CA LEU A 79 23.11 -9.08 12.51
C LEU A 79 23.57 -9.06 13.96
N GLU A 80 24.62 -8.27 14.24
CA GLU A 80 25.13 -8.16 15.61
C GLU A 80 25.56 -6.72 15.89
N GLU A 81 24.87 -6.08 16.83
CA GLU A 81 25.08 -4.66 17.12
C GLU A 81 26.47 -4.45 17.70
N TYR A 82 27.23 -3.54 17.10
CA TYR A 82 28.58 -3.22 17.53
C TYR A 82 28.55 -2.26 18.72
N SER A 83 29.20 -2.68 19.81
CA SER A 83 29.66 -1.78 20.90
C SER A 83 28.56 -0.87 21.43
N ASN A 84 27.32 -1.39 21.54
CA ASN A 84 26.19 -0.65 22.10
C ASN A 84 25.93 0.67 21.37
N THR A 85 26.21 0.72 20.08
CA THR A 85 26.00 1.95 19.33
C THR A 85 24.56 2.14 18.90
N ARG A 86 23.77 1.06 18.88
CA ARG A 86 22.37 1.03 18.42
C ARG A 86 22.28 1.12 16.90
N ALA A 87 23.19 1.87 16.27
CA ALA A 87 23.12 2.16 14.84
C ALA A 87 24.05 1.32 13.97
N TYR A 88 25.16 0.82 14.49
CA TYR A 88 26.14 0.13 13.64
C TYR A 88 26.23 -1.36 14.02
N TYR A 89 26.46 -2.22 13.02
CA TYR A 89 26.33 -3.67 13.16
C TYR A 89 27.44 -4.42 12.42
N PHE A 90 27.68 -5.66 12.85
CA PHE A 90 28.46 -6.66 12.12
C PHE A 90 27.51 -7.57 11.34
N VAL A 91 27.86 -7.88 10.09
CA VAL A 91 27.02 -8.68 9.22
C VAL A 91 27.55 -10.11 9.22
N LYS A 92 26.67 -11.07 9.50
CA LYS A 92 27.06 -12.48 9.59
C LYS A 92 26.08 -13.31 8.77
N PHE A 93 26.27 -14.63 8.82
CA PHE A 93 25.57 -15.53 7.90
C PHE A 93 25.05 -16.72 8.68
N LYS A 94 24.67 -17.77 7.96
CA LYS A 94 24.07 -18.98 8.54
C LYS A 94 24.41 -20.22 7.69
N ASN A 100 26.76 -19.83 -0.07
CA ASN A 100 26.94 -18.39 0.15
C ASN A 100 27.82 -17.78 -0.93
N PRO A 101 27.25 -16.90 -1.77
CA PRO A 101 28.07 -16.22 -2.79
C PRO A 101 29.11 -15.27 -2.20
N LEU A 102 28.77 -14.56 -1.14
CA LEU A 102 29.71 -13.61 -0.55
C LEU A 102 30.84 -14.27 0.23
N SER A 103 31.02 -15.60 0.13
CA SER A 103 32.01 -16.28 0.96
C SER A 103 33.42 -15.75 0.74
N GLN A 104 33.77 -15.36 -0.50
CA GLN A 104 35.11 -14.88 -0.79
C GLN A 104 35.45 -13.58 -0.07
N PHE A 105 34.48 -12.95 0.61
CA PHE A 105 34.65 -11.65 1.26
C PHE A 105 34.64 -11.71 2.79
N LEU A 106 34.55 -12.90 3.40
CA LEU A 106 34.42 -12.97 4.85
C LEU A 106 35.78 -12.77 5.54
N GLU A 107 35.73 -12.71 6.87
CA GLU A 107 36.89 -12.80 7.77
C GLU A 107 36.39 -13.52 9.02
N GLY A 108 36.45 -14.85 8.99
CA GLY A 108 35.74 -15.61 10.00
C GLY A 108 34.24 -15.53 9.72
N GLU A 109 33.46 -15.34 10.79
CA GLU A 109 32.00 -15.26 10.66
C GLU A 109 31.52 -13.90 10.18
N ILE A 110 32.42 -12.93 9.95
CA ILE A 110 32.07 -11.52 9.80
C ILE A 110 32.31 -11.05 8.35
N LEU A 111 31.34 -10.33 7.79
CA LEU A 111 31.41 -9.89 6.40
C LEU A 111 32.23 -8.60 6.27
N SER A 112 33.28 -8.63 5.46
CA SER A 112 34.18 -7.51 5.29
C SER A 112 33.68 -6.59 4.19
N ALA A 113 33.39 -5.34 4.56
CA ALA A 113 33.02 -4.35 3.56
C ALA A 113 34.21 -3.93 2.71
N SER A 114 35.42 -3.91 3.29
CA SER A 114 36.58 -3.44 2.53
C SER A 114 36.85 -4.37 1.37
N LYS A 115 36.98 -5.67 1.67
CA LYS A 115 37.14 -6.69 0.64
C LYS A 115 36.03 -6.58 -0.40
N MET A 116 34.80 -6.31 0.05
CA MET A 116 33.65 -6.38 -0.85
C MET A 116 33.57 -5.15 -1.75
N LEU A 117 33.84 -3.97 -1.20
CA LEU A 117 33.95 -2.81 -2.06
C LEU A 117 35.14 -2.91 -2.99
N SER A 118 36.23 -3.52 -2.52
CA SER A 118 37.46 -3.58 -3.33
C SER A 118 37.24 -4.37 -4.61
N LYS A 119 36.37 -5.38 -4.58
CA LYS A 119 36.03 -6.10 -5.80
C LYS A 119 34.94 -5.36 -6.56
N PHE A 120 34.00 -4.76 -5.84
CA PHE A 120 33.04 -3.87 -6.46
C PHE A 120 33.75 -2.80 -7.27
N ARG A 121 34.78 -2.18 -6.69
CA ARG A 121 35.52 -1.15 -7.41
C ARG A 121 36.27 -1.74 -8.61
N LYS A 122 37.08 -2.78 -8.39
CA LYS A 122 37.95 -3.25 -9.48
C LYS A 122 37.14 -3.69 -10.70
N ILE A 123 36.02 -4.39 -10.49
CA ILE A 123 35.11 -4.72 -11.58
C ILE A 123 34.66 -3.47 -12.31
N ILE A 124 34.30 -2.43 -11.57
CA ILE A 124 33.82 -1.20 -12.18
C ILE A 124 34.93 -0.53 -12.97
N LYS A 125 36.13 -0.45 -12.39
CA LYS A 125 37.27 0.16 -13.08
C LYS A 125 37.57 -0.53 -14.40
N GLU A 126 37.14 -1.80 -14.56
CA GLU A 126 37.40 -2.55 -15.78
C GLU A 126 36.37 -2.29 -16.86
N GLU A 127 35.08 -2.32 -16.51
CA GLU A 127 34.06 -2.12 -17.53
C GLU A 127 34.09 -0.71 -18.10
N ILE A 128 34.69 0.25 -17.40
CA ILE A 128 34.57 1.65 -17.78
C ILE A 128 35.34 1.96 -19.06
N ASN A 129 36.35 1.17 -19.40
CA ASN A 129 37.12 1.37 -20.62
C ASN A 129 36.62 0.52 -21.76
N ASP A 130 35.59 -0.29 -21.52
CA ASP A 130 34.78 -0.86 -22.59
C ASP A 130 33.95 0.22 -23.29
N ILE A 131 33.99 1.45 -22.80
CA ILE A 131 33.23 2.57 -23.36
C ILE A 131 34.22 3.46 -24.10
N LYS A 132 34.24 3.34 -25.43
CA LYS A 132 34.79 4.36 -26.31
C LYS A 132 33.69 5.29 -26.82
N ASP A 133 32.46 5.05 -26.40
CA ASP A 133 31.32 5.94 -26.61
C ASP A 133 31.54 7.23 -25.82
N THR A 134 31.54 7.11 -24.50
CA THR A 134 31.82 8.22 -23.60
C THR A 134 33.10 7.97 -22.81
N ASP A 135 33.82 9.05 -22.52
CA ASP A 135 34.99 8.97 -21.67
C ASP A 135 34.53 8.96 -20.21
N VAL A 136 34.93 7.93 -19.47
CA VAL A 136 34.51 7.76 -18.09
C VAL A 136 35.75 7.56 -17.23
N ILE A 137 35.74 8.13 -16.04
CA ILE A 137 36.88 8.11 -15.14
C ILE A 137 36.38 7.81 -13.73
N MET A 138 37.17 7.03 -12.98
CA MET A 138 36.86 6.72 -11.60
C MET A 138 37.84 7.44 -10.68
N LYS A 139 37.31 8.10 -9.64
CA LYS A 139 38.16 8.79 -8.69
C LYS A 139 38.50 7.87 -7.53
N ARG A 140 39.64 8.14 -6.89
CA ARG A 140 39.95 7.51 -5.62
C ARG A 140 39.11 8.18 -4.53
N LYS A 141 38.84 7.44 -3.46
CA LYS A 141 37.91 7.88 -2.43
C LYS A 141 38.69 8.51 -1.28
N ARG A 142 37.96 9.05 -0.29
CA ARG A 142 38.54 9.52 0.97
C ARG A 142 37.49 9.62 2.08
N PRO A 146 29.71 7.45 -0.22
CA PRO A 146 29.71 6.91 -1.59
C PRO A 146 30.93 6.05 -1.89
N ALA A 147 30.68 4.79 -2.26
CA ALA A 147 31.75 3.84 -2.46
C ALA A 147 32.60 4.18 -3.68
N VAL A 148 31.96 4.46 -4.81
CA VAL A 148 32.64 4.73 -6.07
C VAL A 148 32.05 5.99 -6.67
N THR A 149 32.89 6.77 -7.35
CA THR A 149 32.46 8.00 -8.00
C THR A 149 33.04 8.05 -9.40
N LEU A 150 32.18 8.14 -10.40
CA LEU A 150 32.58 8.24 -11.79
C LEU A 150 32.42 9.67 -12.28
N LEU A 151 33.35 10.12 -13.11
CA LEU A 151 33.21 11.37 -13.85
C LEU A 151 32.94 11.02 -15.30
N ILE A 152 31.73 11.35 -15.78
CA ILE A 152 31.33 11.04 -17.15
C ILE A 152 31.54 12.28 -18.03
N SER A 153 32.17 12.08 -19.19
CA SER A 153 32.68 13.17 -20.00
C SER A 153 33.47 14.11 -19.11
N GLU A 154 33.01 15.35 -18.94
CA GLU A 154 33.67 16.29 -18.03
C GLU A 154 32.74 17.00 -17.07
N LYS A 155 31.44 17.04 -17.32
CA LYS A 155 30.55 17.73 -16.41
C LYS A 155 29.91 16.80 -15.40
N ILE A 156 29.39 15.64 -15.84
CA ILE A 156 28.54 14.80 -15.02
C ILE A 156 29.37 13.91 -14.10
N SER A 157 28.87 13.67 -12.89
CA SER A 157 29.50 12.75 -11.96
C SER A 157 28.44 11.90 -11.25
N VAL A 158 28.70 10.60 -11.12
CA VAL A 158 27.77 9.66 -10.52
C VAL A 158 28.41 9.02 -9.29
N ASP A 159 27.69 9.08 -8.16
CA ASP A 159 28.10 8.44 -6.91
C ASP A 159 27.38 7.09 -6.81
N ILE A 160 28.13 5.98 -6.90
CA ILE A 160 27.54 4.65 -6.76
C ILE A 160 27.70 4.16 -5.34
N THR A 161 26.67 3.49 -4.84
CA THR A 161 26.64 2.95 -3.47
C THR A 161 26.11 1.54 -3.50
N LEU A 162 26.83 0.62 -2.88
CA LEU A 162 26.40 -0.77 -2.78
C LEU A 162 25.77 -0.99 -1.41
N ALA A 163 24.63 -1.68 -1.38
CA ALA A 163 23.87 -1.86 -0.14
C ALA A 163 23.35 -3.27 -0.03
N LEU A 164 23.63 -3.94 1.09
CA LEU A 164 23.02 -5.23 1.34
C LEU A 164 21.52 -5.03 1.57
N GLU A 165 20.72 -5.98 1.12
CA GLU A 165 19.28 -5.92 1.30
C GLU A 165 18.84 -7.14 2.09
N SER A 166 18.02 -6.93 3.10
CA SER A 166 17.39 -7.98 3.85
C SER A 166 15.87 -7.82 3.77
N LYS A 167 15.19 -8.90 3.45
CA LYS A 167 13.74 -8.96 3.49
C LYS A 167 13.18 -9.38 4.85
N SER A 168 14.01 -9.73 5.81
CA SER A 168 13.49 -9.97 7.14
C SER A 168 13.18 -8.64 7.80
N SER A 169 12.51 -8.70 8.94
CA SER A 169 11.98 -7.47 9.52
C SER A 169 13.10 -6.65 10.16
N TRP A 170 12.82 -5.37 10.36
CA TRP A 170 13.87 -4.41 10.70
C TRP A 170 14.53 -4.75 12.03
N PRO A 171 15.80 -4.40 12.18
CA PRO A 171 16.53 -4.68 13.44
C PRO A 171 15.86 -4.08 14.66
N ALA A 172 16.07 -4.76 15.79
CA ALA A 172 15.36 -4.43 17.03
C ALA A 172 15.51 -2.98 17.44
N SER A 173 16.60 -2.33 17.03
CA SER A 173 16.81 -0.94 17.42
C SER A 173 15.79 0.00 16.81
N THR A 174 15.06 -0.43 15.78
CA THR A 174 14.11 0.45 15.12
C THR A 174 12.72 0.40 15.75
N GLN A 175 12.56 -0.29 16.90
CA GLN A 175 11.24 -0.67 17.40
C GLN A 175 10.38 0.54 17.75
N GLU A 176 10.86 1.39 18.66
CA GLU A 176 10.12 2.59 18.98
C GLU A 176 10.36 3.71 17.99
N GLY A 177 10.98 3.41 16.83
CA GLY A 177 11.33 4.44 15.87
C GLY A 177 10.19 4.74 14.91
N LEU A 178 10.46 5.70 14.02
CA LEU A 178 9.51 6.01 12.97
C LEU A 178 8.14 6.36 13.55
N ARG A 179 8.15 7.17 14.62
CA ARG A 179 6.91 7.51 15.29
C ARG A 179 6.09 8.43 14.38
N ILE A 180 5.46 7.81 13.38
CA ILE A 180 4.58 8.50 12.44
C ILE A 180 3.11 8.21 12.72
N GLN A 181 2.80 7.57 13.85
CA GLN A 181 1.43 7.11 14.10
C GLN A 181 0.41 8.23 14.02
N ASN A 182 0.74 9.41 14.57
CA ASN A 182 -0.21 10.51 14.68
C ASN A 182 -0.30 11.32 13.40
N TRP A 183 0.59 11.09 12.44
CA TRP A 183 0.63 11.86 11.21
C TRP A 183 0.27 10.99 10.02
N LEU A 184 1.05 9.95 9.71
CA LEU A 184 0.76 9.15 8.51
C LEU A 184 -0.17 7.98 8.80
N SER A 185 -0.06 7.41 10.02
CA SER A 185 -0.97 6.47 10.69
C SER A 185 -0.29 5.15 11.03
N ALA A 186 -0.82 4.47 12.05
CA ALA A 186 -0.26 3.17 12.45
C ALA A 186 -0.28 2.19 11.29
N LYS A 187 -1.39 2.10 10.57
CA LYS A 187 -1.46 1.04 9.57
C LYS A 187 -0.52 1.32 8.40
N VAL A 188 -0.07 2.58 8.24
CA VAL A 188 0.96 2.89 7.25
C VAL A 188 2.33 2.52 7.77
N ARG A 189 2.64 2.92 9.00
CA ARG A 189 3.84 2.50 9.69
C ARG A 189 4.11 1.00 9.54
N LYS A 190 3.06 0.18 9.67
CA LYS A 190 3.22 -1.27 9.54
C LYS A 190 3.67 -1.62 8.13
N GLN A 191 2.90 -1.19 7.12
CA GLN A 191 3.26 -1.37 5.72
C GLN A 191 4.73 -1.04 5.48
N LEU A 192 5.14 0.17 5.88
CA LEU A 192 6.51 0.60 5.62
C LEU A 192 7.50 -0.30 6.32
N ARG A 193 7.17 -0.77 7.53
CA ARG A 193 8.12 -1.65 8.21
C ARG A 193 8.16 -3.05 7.62
N LEU A 194 7.20 -3.40 6.76
CA LEU A 194 7.27 -4.63 5.97
C LEU A 194 8.14 -4.48 4.73
N LYS A 195 8.61 -3.28 4.42
CA LYS A 195 9.58 -3.12 3.35
C LYS A 195 10.92 -3.67 3.81
N PRO A 196 11.78 -4.07 2.87
CA PRO A 196 13.13 -4.52 3.24
C PRO A 196 13.92 -3.37 3.81
N PHE A 197 15.00 -3.70 4.53
CA PHE A 197 15.93 -2.67 4.99
C PHE A 197 17.29 -2.86 4.31
N TYR A 198 18.09 -1.78 4.31
CA TYR A 198 19.38 -1.79 3.62
C TYR A 198 20.54 -1.38 4.55
N LEU A 199 21.67 -2.06 4.40
CA LEU A 199 22.88 -1.81 5.17
C LEU A 199 24.01 -1.35 4.26
N VAL A 200 24.59 -0.20 4.56
CA VAL A 200 25.73 0.35 3.82
C VAL A 200 26.93 0.53 4.75
N PRO A 201 28.19 0.41 4.26
CA PRO A 201 29.35 0.44 5.18
C PRO A 201 29.65 1.77 5.84
N LYS A 202 30.69 1.75 6.68
CA LYS A 202 31.50 2.85 7.16
C LYS A 202 31.29 3.08 8.65
N HIS A 203 32.27 2.62 9.43
CA HIS A 203 32.42 2.84 10.85
C HIS A 203 31.92 4.21 11.31
N GLU A 212 37.01 -1.23 12.09
CA GLU A 212 36.04 -2.32 12.16
C GLU A 212 35.23 -2.39 10.87
N GLU A 213 34.77 -3.60 10.52
CA GLU A 213 33.91 -3.81 9.36
C GLU A 213 32.44 -3.77 9.80
N THR A 214 31.98 -2.55 10.08
CA THR A 214 30.62 -2.32 10.55
C THR A 214 29.75 -1.68 9.46
N TRP A 215 28.46 -2.01 9.51
CA TRP A 215 27.48 -1.48 8.58
C TRP A 215 26.40 -0.73 9.35
N ARG A 216 25.64 0.10 8.63
CA ARG A 216 24.56 0.85 9.24
C ARG A 216 23.37 0.87 8.30
N LEU A 217 22.18 1.09 8.85
CA LEU A 217 20.95 1.05 8.07
C LEU A 217 20.82 2.26 7.14
N SER A 218 20.25 2.02 5.96
CA SER A 218 19.87 3.09 5.03
C SER A 218 18.36 3.09 4.85
N PHE A 219 17.74 4.28 4.94
CA PHE A 219 16.30 4.37 4.81
C PHE A 219 15.88 5.37 3.74
N SER A 220 16.74 5.61 2.76
CA SER A 220 16.33 6.45 1.64
C SER A 220 15.03 5.95 1.01
N HIS A 221 14.83 4.63 0.96
CA HIS A 221 13.61 4.15 0.32
C HIS A 221 12.38 4.50 1.15
N ILE A 222 12.52 4.63 2.46
CA ILE A 222 11.36 4.98 3.28
C ILE A 222 11.10 6.48 3.26
N GLU A 223 12.17 7.27 3.34
CA GLU A 223 12.05 8.71 3.12
C GLU A 223 11.31 9.01 1.81
N LYS A 224 11.76 8.43 0.70
CA LYS A 224 11.11 8.73 -0.58
C LYS A 224 9.63 8.44 -0.52
N GLU A 225 9.25 7.29 0.05
CA GLU A 225 7.84 6.94 0.07
C GLU A 225 7.04 7.90 0.93
N ILE A 226 7.54 8.24 2.11
CA ILE A 226 6.82 9.25 2.89
C ILE A 226 6.62 10.52 2.06
N LEU A 227 7.66 10.95 1.35
CA LEU A 227 7.58 12.24 0.68
C LEU A 227 6.56 12.23 -0.44
N ASN A 228 6.41 11.11 -1.14
CA ASN A 228 5.41 11.09 -2.19
C ASN A 228 4.00 10.91 -1.64
N ASN A 229 3.87 10.61 -0.35
CA ASN A 229 2.56 10.44 0.25
C ASN A 229 2.67 10.92 1.71
N HIS A 230 2.58 12.25 1.90
CA HIS A 230 3.14 12.93 3.06
C HIS A 230 2.13 13.57 4.00
N GLY A 231 0.86 13.64 3.62
CA GLY A 231 -0.13 14.29 4.45
C GLY A 231 -0.90 13.35 5.36
N LYS A 232 -1.64 13.94 6.30
CA LYS A 232 -2.62 13.14 7.00
C LYS A 232 -3.78 12.85 6.07
N SER A 233 -4.15 13.85 5.28
CA SER A 233 -5.15 13.67 4.24
C SER A 233 -4.61 12.83 3.10
N LYS A 234 -5.36 11.83 2.68
CA LYS A 234 -4.97 11.02 1.54
C LYS A 234 -4.85 11.87 0.27
N THR A 235 -5.65 12.95 0.15
CA THR A 235 -5.63 13.82 -1.02
C THR A 235 -4.77 15.07 -0.82
N CYS A 236 -3.79 15.03 0.09
CA CYS A 236 -2.90 16.17 0.26
C CYS A 236 -2.13 16.43 -1.03
N CYS A 237 -2.19 17.66 -1.51
CA CYS A 237 -1.49 18.12 -2.72
C CYS A 237 -2.04 17.49 -4.00
N GLU A 238 -3.28 17.01 -4.00
CA GLU A 238 -3.93 16.59 -5.24
C GLU A 238 -4.89 17.63 -5.81
N ASN A 239 -5.08 18.76 -5.11
CA ASN A 239 -6.00 19.80 -5.57
C ASN A 239 -5.58 21.14 -4.99
N LYS A 240 -6.17 22.22 -5.52
CA LYS A 240 -5.83 23.57 -5.06
C LYS A 240 -6.19 23.79 -3.60
N GLU A 241 -7.29 23.17 -3.13
CA GLU A 241 -7.85 23.45 -1.81
C GLU A 241 -7.03 22.85 -0.67
N GLU A 242 -6.18 21.84 -0.96
CA GLU A 242 -5.25 21.28 0.01
C GLU A 242 -3.87 21.11 -0.62
N LYS A 243 -3.27 22.22 -1.00
CA LYS A 243 -1.84 22.23 -1.27
C LYS A 243 -1.12 22.60 0.02
N CYS A 244 -0.14 21.77 0.41
CA CYS A 244 0.69 22.08 1.58
C CYS A 244 2.07 22.54 1.14
N CYS A 245 2.98 22.60 2.11
CA CYS A 245 4.34 23.06 1.91
C CYS A 245 5.31 22.23 2.74
N ARG A 246 5.04 20.94 2.87
CA ARG A 246 5.98 20.06 3.55
C ARG A 246 7.23 19.87 2.70
N LYS A 247 7.07 19.57 1.41
CA LYS A 247 8.24 19.36 0.55
C LYS A 247 9.04 20.65 0.41
N ASP A 248 8.37 21.75 0.10
CA ASP A 248 9.02 23.05 -0.01
C ASP A 248 9.87 23.37 1.22
N CYS A 249 9.34 23.18 2.42
CA CYS A 249 10.17 23.39 3.60
C CYS A 249 11.37 22.45 3.64
N LEU A 250 11.24 21.24 3.09
CA LEU A 250 12.40 20.36 3.04
C LEU A 250 13.44 20.86 2.06
N LYS A 251 13.04 21.19 0.82
CA LYS A 251 14.01 21.68 -0.16
C LYS A 251 14.76 22.89 0.37
N LEU A 252 14.04 23.83 1.01
CA LEU A 252 14.70 25.03 1.54
C LEU A 252 15.70 24.67 2.65
N MET A 253 15.29 23.81 3.59
CA MET A 253 16.23 23.35 4.60
C MET A 253 17.50 22.81 3.95
N LYS A 254 17.36 21.93 2.95
CA LYS A 254 18.53 21.34 2.31
C LYS A 254 19.34 22.39 1.55
N TYR A 255 18.67 23.26 0.80
CA TYR A 255 19.37 24.30 0.07
C TYR A 255 20.13 25.21 1.02
N LEU A 256 19.54 25.52 2.17
CA LEU A 256 20.27 26.27 3.19
C LEU A 256 21.58 25.57 3.55
N LEU A 257 21.50 24.29 3.94
CA LEU A 257 22.73 23.60 4.33
C LEU A 257 23.71 23.50 3.17
N GLU A 258 23.24 23.16 1.97
CA GLU A 258 24.16 23.07 0.84
C GLU A 258 24.90 24.37 0.63
N GLN A 259 24.14 25.44 0.44
CA GLN A 259 24.76 26.73 0.14
C GLN A 259 25.75 27.11 1.22
N LEU A 260 25.39 26.88 2.48
CA LEU A 260 26.34 27.13 3.57
C LEU A 260 27.59 26.28 3.41
N LYS A 261 27.41 24.97 3.16
CA LYS A 261 28.56 24.09 2.95
C LYS A 261 29.42 24.53 1.78
N GLU A 262 28.79 25.04 0.72
CA GLU A 262 29.60 25.57 -0.38
C GLU A 262 30.41 26.77 0.08
N ARG A 263 29.79 27.68 0.84
CA ARG A 263 30.49 28.87 1.31
C ARG A 263 31.79 28.53 2.00
N PHE A 264 31.71 27.67 3.02
CA PHE A 264 32.88 27.25 3.78
C PHE A 264 33.35 25.85 3.38
N LYS A 265 33.22 25.53 2.09
CA LYS A 265 33.90 24.36 1.54
C LYS A 265 35.41 24.44 1.80
N ASP A 266 35.98 25.64 1.89
CA ASP A 266 37.42 25.79 2.12
C ASP A 266 37.81 25.44 3.55
N LYS A 267 37.18 26.12 4.53
CA LYS A 267 37.30 25.75 5.94
C LYS A 267 36.85 24.31 6.18
N LYS A 268 36.99 23.82 7.40
CA LYS A 268 36.58 22.46 7.73
C LYS A 268 35.37 22.41 8.67
N HIS A 269 34.68 23.54 8.86
CA HIS A 269 33.73 23.66 9.96
C HIS A 269 32.44 22.89 9.72
N LEU A 270 31.98 22.81 8.48
CA LEU A 270 30.71 22.18 8.16
C LEU A 270 30.88 20.79 7.54
N ASP A 271 32.07 20.21 7.62
CA ASP A 271 32.27 18.96 6.91
C ASP A 271 31.46 17.83 7.52
N LYS A 272 31.17 17.91 8.82
CA LYS A 272 30.44 16.84 9.52
C LYS A 272 28.93 16.81 9.25
N PHE A 273 28.38 17.74 8.48
CA PHE A 273 26.94 17.82 8.29
C PHE A 273 26.56 17.36 6.89
N SER A 274 25.41 16.70 6.75
CA SER A 274 25.00 16.17 5.47
C SER A 274 23.52 16.46 5.27
N SER A 275 23.03 16.25 4.05
CA SER A 275 21.60 16.46 3.84
C SER A 275 20.77 15.70 4.86
N TYR A 276 21.32 14.63 5.41
CA TYR A 276 20.50 13.73 6.22
C TYR A 276 20.28 14.25 7.63
N HIS A 277 21.13 15.14 8.14
CA HIS A 277 20.77 15.79 9.39
C HIS A 277 19.59 16.72 9.20
N VAL A 278 19.37 17.19 7.98
CA VAL A 278 18.30 18.14 7.75
C VAL A 278 16.98 17.42 7.43
N LYS A 279 17.06 16.28 6.75
CA LYS A 279 15.89 15.41 6.63
C LYS A 279 15.44 14.93 8.00
N THR A 280 16.38 14.46 8.83
CA THR A 280 16.01 13.89 10.13
C THR A 280 15.26 14.90 10.97
N ALA A 281 15.81 16.10 11.10
CA ALA A 281 15.11 17.10 11.90
C ALA A 281 13.78 17.49 11.26
N PHE A 282 13.72 17.53 9.92
CA PHE A 282 12.45 17.88 9.26
C PHE A 282 11.32 16.91 9.61
N PHE A 283 11.58 15.60 9.50
CA PHE A 283 10.53 14.62 9.82
C PHE A 283 10.08 14.71 11.26
N HIS A 284 10.95 15.16 12.16
CA HIS A 284 10.55 15.36 13.57
C HIS A 284 9.46 16.39 13.66
N VAL A 285 9.69 17.55 13.04
CA VAL A 285 8.66 18.59 12.93
C VAL A 285 7.36 18.02 12.37
N CYS A 286 7.44 17.28 11.25
CA CYS A 286 6.23 16.66 10.72
C CYS A 286 5.50 15.85 11.78
N THR A 287 6.24 15.21 12.68
CA THR A 287 5.62 14.47 13.76
C THR A 287 5.08 15.39 14.84
N GLN A 288 5.74 16.54 15.07
CA GLN A 288 5.20 17.51 16.02
C GLN A 288 3.99 18.24 15.47
N ASN A 289 3.84 18.26 14.15
CA ASN A 289 2.83 19.06 13.47
C ASN A 289 2.13 18.16 12.46
N PRO A 290 1.30 17.23 12.94
CA PRO A 290 0.74 16.21 12.05
C PRO A 290 -0.40 16.69 11.18
N GLN A 291 -0.98 17.85 11.46
CA GLN A 291 -2.12 18.26 10.67
C GLN A 291 -1.65 18.96 9.39
N ASP A 292 -2.29 18.62 8.27
CA ASP A 292 -2.05 19.39 7.07
C ASP A 292 -2.39 20.87 7.29
N SER A 293 -3.34 21.16 8.19
CA SER A 293 -3.70 22.55 8.45
C SER A 293 -2.52 23.35 8.99
N GLN A 294 -1.50 22.67 9.51
CA GLN A 294 -0.31 23.33 10.04
C GLN A 294 0.78 23.47 9.00
N TRP A 295 0.47 23.21 7.72
CA TRP A 295 1.43 23.35 6.63
C TRP A 295 0.79 24.02 5.44
N ASP A 296 -0.22 24.85 5.64
CA ASP A 296 -0.95 25.42 4.52
C ASP A 296 -0.01 26.18 3.60
N ARG A 297 -0.19 26.03 2.28
CA ARG A 297 0.81 26.57 1.36
C ARG A 297 1.03 28.06 1.57
N LYS A 298 0.09 28.75 2.23
CA LYS A 298 0.19 30.17 2.49
C LYS A 298 0.94 30.51 3.77
N ASP A 299 1.25 29.53 4.61
CA ASP A 299 2.10 29.78 5.77
C ASP A 299 3.55 29.39 5.53
N LEU A 300 3.98 29.32 4.27
CA LEU A 300 5.31 28.79 3.98
C LEU A 300 6.40 29.55 4.75
N GLY A 301 6.21 30.84 5.01
CA GLY A 301 7.24 31.58 5.72
C GLY A 301 7.33 31.16 7.17
N LEU A 302 6.18 30.98 7.81
CA LEU A 302 6.12 30.50 9.18
C LEU A 302 6.71 29.12 9.30
N CYS A 303 6.17 28.18 8.51
CA CYS A 303 6.55 26.78 8.60
C CYS A 303 8.05 26.61 8.39
N PHE A 304 8.61 27.32 7.41
CA PHE A 304 10.06 27.26 7.23
C PHE A 304 10.78 27.77 8.47
N ASP A 305 10.32 28.89 9.03
CA ASP A 305 10.98 29.45 10.22
C ASP A 305 10.99 28.44 11.35
N ASN A 306 9.85 27.80 11.58
CA ASN A 306 9.73 26.78 12.62
C ASN A 306 10.73 25.66 12.37
N CYS A 307 10.90 25.26 11.12
CA CYS A 307 11.92 24.27 10.80
C CYS A 307 13.29 24.82 11.17
N VAL A 308 13.60 26.04 10.73
CA VAL A 308 14.90 26.61 11.08
C VAL A 308 15.08 26.60 12.59
N THR A 309 14.03 27.02 13.31
CA THR A 309 14.10 27.07 14.76
C THR A 309 14.29 25.71 15.39
N TYR A 310 13.70 24.66 14.82
CA TYR A 310 13.88 23.35 15.43
C TYR A 310 15.27 22.79 15.16
N PHE A 311 15.76 22.90 13.92
CA PHE A 311 17.13 22.50 13.65
C PHE A 311 18.10 23.13 14.62
N LEU A 312 18.14 24.47 14.63
CA LEU A 312 18.90 25.24 15.63
C LEU A 312 18.80 24.67 17.04
N GLN A 313 17.59 24.37 17.48
CA GLN A 313 17.40 23.90 18.85
C GLN A 313 18.11 22.58 19.08
N CYS A 314 18.15 21.74 18.05
CA CYS A 314 18.93 20.50 18.10
C CYS A 314 20.42 20.80 18.15
N LEU A 315 20.88 21.79 17.39
CA LEU A 315 22.29 22.16 17.48
C LEU A 315 22.65 22.57 18.89
N ARG A 316 21.93 23.56 19.46
CA ARG A 316 22.35 24.09 20.76
C ARG A 316 22.37 22.99 21.82
N THR A 317 21.27 22.25 21.92
CA THR A 317 21.14 21.24 22.96
C THR A 317 21.89 19.95 22.65
N GLU A 318 22.54 19.87 21.49
CA GLU A 318 23.29 18.68 21.10
C GLU A 318 22.41 17.44 21.21
N LYS A 319 21.17 17.56 20.74
CA LYS A 319 20.27 16.42 20.78
C LYS A 319 19.44 16.44 19.51
N LEU A 320 19.58 15.38 18.70
CA LEU A 320 18.72 15.21 17.53
C LEU A 320 18.61 13.69 17.32
N GLU A 321 17.48 13.13 17.73
CA GLU A 321 17.26 11.69 17.65
C GLU A 321 17.21 11.23 16.20
N ASN A 322 18.00 10.21 15.86
CA ASN A 322 17.76 9.55 14.58
C ASN A 322 16.26 9.22 14.47
N TYR A 323 15.71 9.38 13.27
CA TYR A 323 14.27 9.24 13.14
C TYR A 323 13.83 7.79 13.23
N PHE A 324 14.74 6.85 13.01
CA PHE A 324 14.41 5.45 12.97
C PHE A 324 14.97 4.67 14.13
N ILE A 325 16.05 5.16 14.74
CA ILE A 325 16.68 4.53 15.89
C ILE A 325 16.80 5.57 17.00
N PRO A 326 15.75 5.74 17.82
CA PRO A 326 15.67 6.94 18.68
C PRO A 326 16.74 7.05 19.77
N GLU A 327 17.34 5.94 20.23
CA GLU A 327 18.41 6.06 21.22
C GLU A 327 19.76 6.46 20.59
N PHE A 328 19.75 7.04 19.39
CA PHE A 328 20.96 7.34 18.65
C PHE A 328 20.92 8.81 18.27
N ASN A 329 21.87 9.57 18.79
CA ASN A 329 21.81 11.01 18.81
C ASN A 329 22.84 11.55 17.81
N LEU A 330 22.38 11.96 16.62
CA LEU A 330 23.30 12.43 15.59
C LEU A 330 24.10 13.67 16.00
N PHE A 331 23.76 14.31 17.12
CA PHE A 331 24.43 15.54 17.51
C PHE A 331 25.19 15.39 18.82
N SER A 332 25.37 14.17 19.31
CA SER A 332 25.99 13.99 20.61
C SER A 332 27.35 14.65 20.58
N SER A 333 27.86 15.04 21.76
CA SER A 333 29.12 15.77 21.76
C SER A 333 30.24 14.95 21.16
N ASN A 334 30.13 13.61 21.14
CA ASN A 334 31.16 12.78 20.52
C ASN A 334 31.07 12.76 19.00
N LEU A 335 29.85 12.68 18.46
CA LEU A 335 29.71 12.57 17.01
C LEU A 335 30.16 13.84 16.30
N ILE A 336 29.73 15.00 16.79
CA ILE A 336 30.12 16.30 16.25
C ILE A 336 30.44 17.18 17.45
N ASP A 337 31.60 17.84 17.44
CA ASP A 337 32.00 18.63 18.60
C ASP A 337 31.27 19.95 18.65
N LYS A 338 31.12 20.50 19.87
CA LYS A 338 30.30 21.69 20.06
C LYS A 338 30.79 22.84 19.20
N ARG A 339 32.10 22.92 18.97
CA ARG A 339 32.67 24.06 18.28
C ARG A 339 32.03 24.24 16.90
N SER A 340 31.83 23.14 16.17
CA SER A 340 31.27 23.26 14.82
C SER A 340 29.77 23.43 14.84
N LYS A 341 29.10 22.91 15.87
CA LYS A 341 27.67 23.15 15.99
C LYS A 341 27.37 24.59 16.37
N GLU A 342 28.25 25.21 17.17
CA GLU A 342 28.12 26.63 17.45
C GLU A 342 28.42 27.47 16.23
N PHE A 343 29.15 26.92 15.25
CA PHE A 343 29.46 27.62 14.01
C PHE A 343 28.30 27.53 13.04
N LEU A 344 27.76 26.34 12.89
CA LEU A 344 26.56 26.16 12.08
C LEU A 344 25.42 27.02 12.60
N THR A 345 25.28 27.09 13.92
CA THR A 345 24.32 28.01 14.50
C THR A 345 24.57 29.44 14.03
N LYS A 346 25.84 29.87 14.08
CA LYS A 346 26.20 31.26 13.76
C LYS A 346 25.69 31.68 12.39
N GLN A 347 25.85 30.82 11.40
CA GLN A 347 25.58 31.22 10.03
C GLN A 347 24.09 31.17 9.73
N ILE A 348 23.42 30.10 10.16
CA ILE A 348 21.98 29.98 9.93
C ILE A 348 21.24 31.09 10.64
N GLU A 349 21.56 31.33 11.92
CA GLU A 349 20.91 32.43 12.62
C GLU A 349 21.16 33.73 11.90
N TYR A 350 22.41 33.94 11.48
CA TYR A 350 22.71 35.12 10.68
C TYR A 350 21.90 35.15 9.39
N GLU A 351 21.76 34.01 8.70
CA GLU A 351 20.93 34.04 7.48
C GLU A 351 19.49 34.37 7.84
N ARG A 352 18.95 33.75 8.89
CA ARG A 352 17.53 33.97 9.17
C ARG A 352 17.25 35.41 9.58
N ASN A 353 18.18 36.05 10.29
CA ASN A 353 18.00 37.45 10.65
C ASN A 353 18.09 38.39 9.45
N ASN A 354 18.65 37.94 8.32
CA ASN A 354 18.79 38.79 7.14
C ASN A 354 18.00 38.28 5.94
N GLU A 355 16.97 37.46 6.16
CA GLU A 355 16.14 36.91 5.07
C GLU A 355 16.99 36.14 4.05
N PHE A 356 17.97 35.38 4.54
CA PHE A 356 18.61 34.32 3.78
C PHE A 356 19.30 34.80 2.50
N PRO A 357 20.27 35.71 2.59
CA PRO A 357 21.00 36.11 1.38
C PRO A 357 21.76 34.98 0.75
N VAL A 358 22.12 33.93 1.49
CA VAL A 358 22.91 32.86 0.88
C VAL A 358 22.15 32.18 -0.24
N PHE A 359 20.83 32.38 -0.30
CA PHE A 359 20.05 31.82 -1.40
C PHE A 359 20.38 32.47 -2.75
N ASP A 360 21.30 33.43 -2.80
CA ASP A 360 21.79 33.96 -4.08
C ASP A 360 23.31 34.19 -4.10
N GLY B 1 -33.82 9.28 18.94
CA GLY B 1 -33.95 8.73 17.59
C GLY B 1 -32.89 7.70 17.19
N ALA B 2 -31.65 8.18 17.02
CA ALA B 2 -30.55 7.29 16.65
C ALA B 2 -30.18 6.32 17.76
N SER B 3 -30.79 6.43 18.94
CA SER B 3 -30.43 5.57 20.07
C SER B 3 -30.85 4.13 19.83
N LYS B 4 -31.85 3.92 18.98
CA LYS B 4 -32.24 2.56 18.64
C LYS B 4 -31.21 1.89 17.74
N LEU B 5 -30.74 2.60 16.71
CA LEU B 5 -29.73 2.06 15.81
C LEU B 5 -28.48 1.63 16.56
N ARG B 6 -28.00 2.47 17.48
CA ARG B 6 -26.85 2.09 18.30
C ARG B 6 -27.11 0.77 19.02
N ALA B 7 -28.31 0.57 19.55
CA ALA B 7 -28.58 -0.64 20.33
C ALA B 7 -28.44 -1.88 19.47
N VAL B 8 -28.87 -1.80 18.21
CA VAL B 8 -28.78 -2.97 17.32
C VAL B 8 -27.32 -3.30 17.01
N LEU B 9 -26.54 -2.29 16.60
CA LEU B 9 -25.12 -2.49 16.36
C LEU B 9 -24.44 -3.19 17.54
N GLU B 10 -24.90 -2.92 18.76
CA GLU B 10 -24.32 -3.57 19.92
C GLU B 10 -24.67 -5.07 19.95
N LYS B 11 -25.97 -5.40 19.81
CA LYS B 11 -26.40 -6.80 19.76
C LYS B 11 -25.59 -7.60 18.73
N LEU B 12 -25.43 -7.06 17.53
CA LEU B 12 -24.70 -7.74 16.47
C LEU B 12 -23.25 -7.99 16.83
N LYS B 13 -22.61 -7.07 17.56
CA LYS B 13 -21.22 -7.33 17.95
C LYS B 13 -21.16 -8.51 18.92
N LEU B 14 -21.98 -8.47 19.98
CA LEU B 14 -22.02 -9.55 20.96
C LEU B 14 -22.04 -10.93 20.33
N SER B 15 -22.67 -11.10 19.17
CA SER B 15 -22.63 -12.43 18.56
C SER B 15 -21.40 -12.62 17.68
N ARG B 16 -21.00 -11.61 16.89
CA ARG B 16 -19.81 -11.72 16.04
C ARG B 16 -18.62 -12.25 16.83
N ASP B 17 -18.43 -11.74 18.05
CA ASP B 17 -17.22 -11.93 18.85
C ASP B 17 -17.27 -13.14 19.76
N ASP B 18 -18.44 -13.43 20.33
CA ASP B 18 -18.56 -14.46 21.37
C ASP B 18 -17.91 -15.77 20.93
N ILE B 19 -17.38 -16.49 21.93
CA ILE B 19 -16.60 -17.70 21.70
C ILE B 19 -17.44 -18.73 20.94
N SER B 20 -16.86 -19.35 19.92
CA SER B 20 -17.53 -20.37 19.12
C SER B 20 -16.49 -21.29 18.52
N THR B 21 -16.79 -22.58 18.51
CA THR B 21 -15.92 -23.59 17.92
C THR B 21 -16.14 -23.72 16.41
N ALA B 22 -17.04 -22.92 15.83
CA ALA B 22 -17.37 -23.05 14.42
C ALA B 22 -16.23 -22.56 13.52
N ALA B 23 -15.62 -21.42 13.87
CA ALA B 23 -14.52 -20.89 13.05
C ALA B 23 -13.42 -21.93 12.85
N GLY B 24 -13.03 -22.63 13.92
CA GLY B 24 -12.04 -23.68 13.78
C GLY B 24 -12.59 -24.97 13.18
N MET B 25 -13.87 -25.28 13.42
CA MET B 25 -14.49 -26.41 12.75
C MET B 25 -14.50 -26.22 11.24
N VAL B 26 -14.82 -25.00 10.78
CA VAL B 26 -14.76 -24.69 9.35
C VAL B 26 -13.32 -24.78 8.86
N LYS B 27 -12.41 -24.06 9.52
CA LYS B 27 -11.00 -24.06 9.14
C LYS B 27 -10.49 -25.46 8.85
N GLY B 28 -10.78 -26.41 9.75
CA GLY B 28 -10.28 -27.77 9.58
C GLY B 28 -10.76 -28.42 8.29
N VAL B 29 -12.07 -28.36 8.03
CA VAL B 29 -12.61 -28.99 6.84
C VAL B 29 -12.10 -28.30 5.58
N VAL B 30 -11.91 -26.98 5.63
CA VAL B 30 -11.41 -26.25 4.47
C VAL B 30 -10.02 -26.73 4.10
N ASP B 31 -9.16 -26.94 5.11
CA ASP B 31 -7.76 -27.25 4.86
C ASP B 31 -7.58 -28.66 4.28
N HIS B 32 -8.40 -29.62 4.71
CA HIS B 32 -8.41 -30.92 4.02
C HIS B 32 -8.78 -30.74 2.56
N LEU B 33 -9.82 -29.96 2.30
CA LEU B 33 -10.28 -29.74 0.92
C LEU B 33 -9.18 -29.12 0.07
N LEU B 34 -8.45 -28.16 0.61
CA LEU B 34 -7.37 -27.54 -0.16
C LEU B 34 -6.33 -28.57 -0.56
N LEU B 35 -5.92 -29.43 0.40
CA LEU B 35 -4.87 -30.40 0.10
C LEU B 35 -5.31 -31.39 -0.97
N ARG B 36 -6.41 -32.11 -0.72
CA ARG B 36 -6.96 -33.01 -1.72
C ARG B 36 -7.25 -32.29 -3.04
N LEU B 37 -7.45 -30.96 -3.00
CA LEU B 37 -7.62 -30.18 -4.23
C LEU B 37 -6.30 -30.00 -4.96
N LYS B 38 -5.25 -29.65 -4.22
CA LYS B 38 -3.91 -29.58 -4.79
C LYS B 38 -3.32 -30.94 -5.09
N CYS B 39 -4.04 -32.02 -4.80
CA CYS B 39 -3.60 -33.36 -5.19
C CYS B 39 -3.91 -33.64 -6.66
N ASP B 40 -4.73 -32.80 -7.29
CA ASP B 40 -5.13 -32.97 -8.69
C ASP B 40 -4.53 -31.84 -9.52
N SER B 41 -4.10 -32.18 -10.74
CA SER B 41 -3.22 -31.31 -11.52
C SER B 41 -3.89 -29.99 -11.90
N ALA B 42 -5.18 -30.03 -12.28
CA ALA B 42 -5.88 -28.83 -12.72
C ALA B 42 -6.14 -27.86 -11.58
N PHE B 43 -6.13 -28.34 -10.34
CA PHE B 43 -6.34 -27.48 -9.19
C PHE B 43 -5.08 -27.34 -8.35
N ARG B 44 -3.91 -27.56 -8.95
CA ARG B 44 -2.67 -27.61 -8.18
C ARG B 44 -2.38 -26.28 -7.50
N GLY B 45 -2.86 -25.17 -8.06
CA GLY B 45 -2.60 -23.83 -7.55
C GLY B 45 -3.70 -23.20 -6.71
N VAL B 46 -4.78 -23.93 -6.42
CA VAL B 46 -5.90 -23.38 -5.68
C VAL B 46 -5.46 -22.98 -4.27
N GLY B 47 -6.09 -21.92 -3.74
CA GLY B 47 -5.84 -21.44 -2.39
C GLY B 47 -6.86 -20.41 -1.96
N LEU B 48 -6.87 -20.13 -0.65
CA LEU B 48 -7.82 -19.18 -0.07
C LEU B 48 -7.52 -17.74 -0.49
N LEU B 49 -8.58 -16.94 -0.63
CA LEU B 49 -8.39 -15.54 -1.01
C LEU B 49 -7.58 -14.79 0.06
N ASN B 50 -8.02 -14.87 1.30
CA ASN B 50 -7.25 -14.39 2.44
C ASN B 50 -7.18 -15.49 3.47
N THR B 51 -5.96 -15.82 3.92
CA THR B 51 -5.76 -16.83 4.96
C THR B 51 -5.80 -16.17 6.34
N GLY B 52 -6.16 -16.97 7.34
CA GLY B 52 -6.55 -16.47 8.64
C GLY B 52 -7.96 -15.92 8.67
N SER B 53 -8.50 -15.52 7.53
CA SER B 53 -9.89 -15.11 7.41
C SER B 53 -10.68 -16.21 6.69
N TYR B 54 -10.64 -17.43 7.24
CA TYR B 54 -11.66 -18.42 6.91
C TYR B 54 -13.04 -17.86 7.21
N TYR B 55 -13.15 -17.07 8.27
CA TYR B 55 -14.40 -16.48 8.73
C TYR B 55 -14.63 -15.18 7.97
N GLU B 56 -15.29 -15.30 6.82
CA GLU B 56 -15.91 -14.17 6.14
C GLU B 56 -17.39 -14.52 6.00
N HIS B 57 -18.28 -13.63 6.46
CA HIS B 57 -19.72 -13.89 6.41
C HIS B 57 -20.39 -12.88 5.50
N VAL B 58 -20.99 -13.38 4.41
CA VAL B 58 -21.90 -12.53 3.63
C VAL B 58 -23.12 -12.17 4.48
N LYS B 59 -23.65 -13.14 5.22
CA LYS B 59 -24.77 -12.90 6.12
C LYS B 59 -24.25 -12.62 7.52
N ILE B 60 -24.57 -11.42 8.03
CA ILE B 60 -24.03 -10.94 9.29
C ILE B 60 -24.97 -11.24 10.48
N SER B 61 -26.27 -11.39 10.22
CA SER B 61 -27.19 -11.97 11.20
C SER B 61 -27.16 -13.49 11.20
N ALA B 62 -26.19 -14.10 10.50
CA ALA B 62 -26.01 -15.55 10.48
C ALA B 62 -24.54 -15.84 10.74
N PRO B 63 -24.12 -15.75 12.01
CA PRO B 63 -22.74 -16.15 12.35
C PRO B 63 -22.47 -17.62 12.13
N ASN B 64 -23.50 -18.42 11.83
CA ASN B 64 -23.30 -19.83 11.56
C ASN B 64 -22.91 -20.08 10.12
N GLU B 65 -23.12 -19.13 9.24
CA GLU B 65 -22.94 -19.33 7.81
C GLU B 65 -21.72 -18.56 7.36
N PHE B 66 -20.70 -19.30 6.93
CA PHE B 66 -19.44 -18.76 6.47
C PHE B 66 -19.41 -18.76 4.94
N ASP B 67 -18.54 -17.92 4.39
CA ASP B 67 -18.46 -17.73 2.94
C ASP B 67 -16.98 -17.65 2.56
N VAL B 68 -16.42 -18.78 2.14
CA VAL B 68 -15.01 -18.85 1.83
C VAL B 68 -14.86 -18.97 0.33
N MET B 69 -13.77 -18.42 -0.18
CA MET B 69 -13.54 -18.40 -1.62
C MET B 69 -12.18 -18.99 -1.89
N PHE B 70 -12.11 -19.83 -2.92
CA PHE B 70 -10.89 -20.45 -3.37
C PHE B 70 -10.44 -19.77 -4.65
N LYS B 71 -9.19 -19.28 -4.67
CA LYS B 71 -8.63 -18.62 -5.85
C LYS B 71 -7.70 -19.57 -6.58
N LEU B 72 -7.69 -19.45 -7.90
CA LEU B 72 -6.77 -20.19 -8.75
C LEU B 72 -6.25 -19.23 -9.80
N GLU B 73 -4.94 -19.16 -9.94
CA GLU B 73 -4.35 -18.25 -10.91
C GLU B 73 -4.46 -18.83 -12.32
N VAL B 74 -4.71 -17.97 -13.29
CA VAL B 74 -4.71 -18.39 -14.69
C VAL B 74 -3.82 -17.45 -15.49
N PRO B 75 -2.56 -17.80 -15.75
CA PRO B 75 -1.72 -16.92 -16.59
C PRO B 75 -2.28 -16.84 -18.00
N ARG B 76 -1.98 -15.73 -18.67
CA ARG B 76 -2.30 -15.53 -20.08
C ARG B 76 -3.80 -15.72 -20.34
N ILE B 77 -4.60 -14.85 -19.76
CA ILE B 77 -6.04 -14.83 -20.02
C ILE B 77 -6.33 -13.83 -21.13
N GLN B 78 -7.14 -14.24 -22.09
CA GLN B 78 -7.70 -13.33 -23.09
C GLN B 78 -9.22 -13.31 -22.89
N LEU B 79 -9.77 -12.12 -22.59
CA LEU B 79 -11.18 -11.96 -22.27
C LEU B 79 -11.99 -11.56 -23.50
N GLU B 80 -13.31 -11.71 -23.40
CA GLU B 80 -14.23 -11.30 -24.46
C GLU B 80 -15.56 -10.87 -23.87
N GLU B 81 -15.87 -9.58 -23.96
CA GLU B 81 -17.15 -9.03 -23.56
C GLU B 81 -18.32 -9.72 -24.26
N TYR B 82 -19.15 -10.45 -23.51
CA TYR B 82 -20.30 -11.16 -24.09
C TYR B 82 -21.45 -10.20 -24.36
N SER B 83 -21.76 -9.97 -25.63
CA SER B 83 -23.02 -9.33 -26.04
C SER B 83 -23.18 -7.92 -25.48
N ASN B 84 -22.09 -7.13 -25.55
CA ASN B 84 -22.10 -5.72 -25.12
C ASN B 84 -22.73 -5.53 -23.74
N THR B 85 -22.57 -6.53 -22.85
CA THR B 85 -23.16 -6.42 -21.52
C THR B 85 -22.22 -5.83 -20.49
N ARG B 86 -20.98 -5.51 -20.88
CA ARG B 86 -20.06 -4.76 -20.04
C ARG B 86 -19.44 -5.58 -18.90
N ALA B 87 -20.18 -6.53 -18.32
CA ALA B 87 -19.75 -7.19 -17.09
C ALA B 87 -19.62 -8.71 -17.15
N TYR B 88 -19.89 -9.36 -18.28
CA TYR B 88 -19.76 -10.81 -18.37
C TYR B 88 -18.83 -11.16 -19.54
N TYR B 89 -17.93 -12.11 -19.31
CA TYR B 89 -16.89 -12.44 -20.28
C TYR B 89 -16.78 -13.94 -20.52
N PHE B 90 -16.30 -14.28 -21.72
CA PHE B 90 -15.78 -15.60 -22.04
C PHE B 90 -14.28 -15.62 -21.78
N VAL B 91 -13.78 -16.76 -21.31
CA VAL B 91 -12.38 -16.90 -20.92
C VAL B 91 -11.64 -17.70 -21.99
N LYS B 92 -10.63 -17.07 -22.62
CA LYS B 92 -9.82 -17.72 -23.64
C LYS B 92 -8.35 -17.75 -23.22
N PHE B 93 -7.56 -18.54 -23.95
CA PHE B 93 -6.18 -18.79 -23.60
C PHE B 93 -5.27 -18.42 -24.77
N LYS B 94 -3.96 -18.67 -24.60
CA LYS B 94 -2.95 -18.27 -25.59
C LYS B 94 -1.95 -19.40 -25.86
N GLU B 99 0.82 -26.28 -23.44
CA GLU B 99 0.17 -27.02 -22.36
C GLU B 99 -0.51 -26.10 -21.37
N ASN B 100 -1.66 -26.54 -20.85
CA ASN B 100 -2.50 -25.73 -19.97
C ASN B 100 -3.15 -26.69 -18.97
N PRO B 101 -2.99 -26.46 -17.65
CA PRO B 101 -3.52 -27.42 -16.67
C PRO B 101 -5.04 -27.55 -16.71
N LEU B 102 -5.75 -26.54 -17.20
CA LEU B 102 -7.20 -26.60 -17.34
C LEU B 102 -7.62 -27.08 -18.74
N SER B 103 -6.72 -27.74 -19.49
CA SER B 103 -7.04 -28.14 -20.86
C SER B 103 -8.22 -29.10 -20.91
N GLN B 104 -8.44 -29.89 -19.84
CA GLN B 104 -9.56 -30.81 -19.74
C GLN B 104 -10.92 -30.09 -19.77
N PHE B 105 -10.95 -28.76 -19.56
CA PHE B 105 -12.19 -28.00 -19.54
C PHE B 105 -12.43 -27.16 -20.79
N LEU B 106 -11.46 -27.04 -21.69
CA LEU B 106 -11.59 -26.15 -22.84
C LEU B 106 -12.70 -26.64 -23.78
N GLU B 107 -13.10 -25.73 -24.70
CA GLU B 107 -14.15 -25.99 -25.71
C GLU B 107 -13.86 -25.09 -26.91
N GLY B 108 -12.94 -25.52 -27.76
CA GLY B 108 -12.35 -24.62 -28.72
C GLY B 108 -11.28 -23.82 -28.03
N GLU B 109 -11.43 -22.50 -28.00
CA GLU B 109 -10.58 -21.68 -27.14
C GLU B 109 -11.33 -21.15 -25.92
N ILE B 110 -12.54 -21.66 -25.65
CA ILE B 110 -13.41 -21.14 -24.58
C ILE B 110 -13.45 -22.13 -23.42
N LEU B 111 -13.36 -21.60 -22.20
CA LEU B 111 -13.18 -22.41 -20.98
C LEU B 111 -14.52 -22.70 -20.34
N SER B 112 -14.86 -23.97 -20.25
CA SER B 112 -16.13 -24.39 -19.68
C SER B 112 -16.16 -24.14 -18.18
N ALA B 113 -17.03 -23.23 -17.75
CA ALA B 113 -17.20 -22.97 -16.33
C ALA B 113 -17.92 -24.11 -15.60
N SER B 114 -18.69 -24.92 -16.31
CA SER B 114 -19.43 -26.00 -15.65
C SER B 114 -18.57 -27.25 -15.46
N LYS B 115 -17.82 -27.66 -16.48
CA LYS B 115 -16.91 -28.77 -16.30
C LYS B 115 -15.89 -28.47 -15.21
N MET B 116 -15.43 -27.23 -15.10
CA MET B 116 -14.53 -26.87 -14.02
C MET B 116 -15.22 -27.03 -12.67
N LEU B 117 -16.47 -26.54 -12.57
CA LEU B 117 -17.23 -26.75 -11.35
C LEU B 117 -17.55 -28.23 -11.14
N SER B 118 -17.77 -28.98 -12.21
CA SER B 118 -18.12 -30.40 -12.06
C SER B 118 -16.97 -31.17 -11.41
N LYS B 119 -15.73 -30.90 -11.82
CA LYS B 119 -14.61 -31.59 -11.17
C LYS B 119 -14.33 -31.02 -9.79
N PHE B 120 -14.66 -29.75 -9.58
CA PHE B 120 -14.60 -29.16 -8.25
C PHE B 120 -15.42 -29.97 -7.25
N ARG B 121 -16.70 -30.21 -7.56
CA ARG B 121 -17.54 -31.02 -6.67
C ARG B 121 -17.02 -32.45 -6.56
N LYS B 122 -16.68 -33.06 -7.71
CA LYS B 122 -16.11 -34.41 -7.69
C LYS B 122 -15.04 -34.53 -6.62
N ILE B 123 -14.03 -33.67 -6.66
CA ILE B 123 -12.94 -33.79 -5.71
C ILE B 123 -13.43 -33.53 -4.30
N ILE B 124 -14.39 -32.62 -4.14
CA ILE B 124 -14.83 -32.24 -2.80
C ILE B 124 -15.69 -33.32 -2.17
N LYS B 125 -16.60 -33.92 -2.97
CA LYS B 125 -17.49 -34.94 -2.42
C LYS B 125 -16.72 -36.19 -2.02
N GLU B 126 -15.67 -36.54 -2.78
CA GLU B 126 -14.84 -37.70 -2.45
C GLU B 126 -14.02 -37.49 -1.19
N GLU B 127 -13.84 -36.23 -0.77
CA GLU B 127 -13.14 -35.95 0.47
C GLU B 127 -14.08 -35.84 1.66
N ILE B 128 -15.38 -35.65 1.43
CA ILE B 128 -16.35 -35.61 2.53
C ILE B 128 -16.54 -37.00 3.12
N ASN B 129 -16.74 -38.01 2.27
CA ASN B 129 -16.79 -39.39 2.74
C ASN B 129 -15.45 -39.84 3.29
N ASP B 130 -14.37 -39.15 2.93
CA ASP B 130 -13.03 -39.40 3.47
C ASP B 130 -12.81 -38.57 4.72
N ILE B 131 -13.90 -38.24 5.42
CA ILE B 131 -13.84 -37.49 6.67
C ILE B 131 -14.74 -38.20 7.68
N LYS B 132 -14.12 -38.99 8.55
CA LYS B 132 -14.74 -39.47 9.77
C LYS B 132 -14.49 -38.52 10.93
N ASP B 133 -13.80 -37.41 10.68
CA ASP B 133 -13.60 -36.39 11.72
C ASP B 133 -14.92 -35.74 12.10
N THR B 134 -15.69 -35.28 11.11
CA THR B 134 -16.90 -34.52 11.34
C THR B 134 -18.04 -35.05 10.48
N ASP B 135 -19.24 -34.58 10.80
CA ASP B 135 -20.39 -34.75 9.93
C ASP B 135 -20.35 -33.67 8.86
N VAL B 136 -20.30 -34.10 7.59
CA VAL B 136 -20.28 -33.18 6.46
C VAL B 136 -21.25 -33.72 5.41
N ILE B 137 -22.15 -32.86 4.95
CA ILE B 137 -23.00 -33.19 3.81
C ILE B 137 -22.76 -32.14 2.73
N MET B 138 -23.28 -32.41 1.54
CA MET B 138 -23.15 -31.50 0.42
C MET B 138 -24.50 -31.39 -0.30
N LYS B 139 -24.84 -30.18 -0.73
CA LYS B 139 -25.98 -29.93 -1.59
C LYS B 139 -25.48 -29.38 -2.93
N ARG B 140 -26.33 -29.51 -3.97
CA ARG B 140 -25.95 -29.10 -5.33
C ARG B 140 -27.11 -28.31 -5.96
N LYS B 141 -27.30 -27.08 -5.49
CA LYS B 141 -28.28 -26.16 -6.06
C LYS B 141 -27.66 -25.34 -7.19
N ARG B 142 -28.51 -24.74 -8.02
CA ARG B 142 -28.10 -24.08 -9.25
C ARG B 142 -27.77 -22.60 -9.01
N GLY B 143 -27.50 -21.88 -10.10
CA GLY B 143 -27.33 -20.44 -10.06
C GLY B 143 -25.90 -19.94 -10.16
N GLY B 144 -25.15 -20.40 -11.16
CA GLY B 144 -23.74 -20.08 -11.29
C GLY B 144 -22.93 -20.41 -10.05
N SER B 145 -22.75 -19.43 -9.18
CA SER B 145 -22.22 -19.59 -7.83
C SER B 145 -23.30 -19.16 -6.84
N PRO B 146 -23.36 -19.75 -5.63
CA PRO B 146 -22.48 -20.63 -4.83
C PRO B 146 -22.13 -21.99 -5.47
N ALA B 147 -20.83 -22.20 -5.70
CA ALA B 147 -20.37 -23.44 -6.33
C ALA B 147 -20.73 -24.65 -5.49
N VAL B 148 -20.30 -24.69 -4.23
CA VAL B 148 -20.65 -25.78 -3.33
C VAL B 148 -20.92 -25.23 -1.93
N THR B 149 -21.99 -25.74 -1.32
CA THR B 149 -22.35 -25.46 0.06
C THR B 149 -22.15 -26.74 0.87
N LEU B 150 -21.48 -26.59 2.02
CA LEU B 150 -21.23 -27.67 2.95
C LEU B 150 -22.08 -27.50 4.21
N LEU B 151 -22.22 -28.59 4.95
CA LEU B 151 -22.99 -28.59 6.20
C LEU B 151 -22.21 -29.38 7.23
N ILE B 152 -21.55 -28.67 8.16
CA ILE B 152 -20.79 -29.26 9.24
C ILE B 152 -21.66 -29.25 10.49
N SER B 153 -21.66 -30.37 11.23
CA SER B 153 -22.54 -30.58 12.38
C SER B 153 -23.98 -30.48 11.87
N GLU B 154 -24.82 -29.62 12.46
CA GLU B 154 -26.13 -29.34 11.90
C GLU B 154 -26.39 -27.86 11.78
N LYS B 155 -25.44 -27.03 12.18
CA LYS B 155 -25.61 -25.59 12.09
C LYS B 155 -24.55 -24.92 11.24
N ILE B 156 -23.30 -25.39 11.30
CA ILE B 156 -22.21 -24.78 10.54
C ILE B 156 -22.42 -25.05 9.05
N SER B 157 -22.50 -24.00 8.23
CA SER B 157 -22.73 -24.14 6.80
C SER B 157 -21.82 -23.20 6.00
N VAL B 158 -21.09 -23.77 5.03
CA VAL B 158 -19.99 -23.09 4.35
C VAL B 158 -20.31 -23.00 2.86
N ASP B 159 -20.28 -21.77 2.33
CA ASP B 159 -20.44 -21.52 0.89
C ASP B 159 -19.04 -21.39 0.27
N ILE B 160 -18.62 -22.40 -0.51
CA ILE B 160 -17.33 -22.38 -1.19
C ILE B 160 -17.49 -21.94 -2.63
N THR B 161 -16.55 -21.11 -3.11
CA THR B 161 -16.66 -20.49 -4.42
C THR B 161 -15.30 -20.53 -5.11
N LEU B 162 -15.26 -20.95 -6.37
CA LEU B 162 -14.05 -20.98 -7.17
C LEU B 162 -13.98 -19.77 -8.09
N ALA B 163 -12.78 -19.25 -8.27
CA ALA B 163 -12.59 -17.96 -8.94
C ALA B 163 -11.24 -17.95 -9.63
N LEU B 164 -11.25 -17.72 -10.95
CA LEU B 164 -9.98 -17.53 -11.61
C LEU B 164 -9.37 -16.21 -11.17
N GLU B 165 -8.05 -16.11 -11.26
CA GLU B 165 -7.32 -14.92 -10.84
C GLU B 165 -6.41 -14.51 -11.98
N SER B 166 -6.58 -13.30 -12.47
CA SER B 166 -5.66 -12.72 -13.44
C SER B 166 -4.83 -11.65 -12.73
N LYS B 167 -3.52 -11.80 -12.76
CA LYS B 167 -2.63 -10.76 -12.25
C LYS B 167 -2.31 -9.69 -13.29
N SER B 168 -3.13 -9.54 -14.33
CA SER B 168 -2.95 -8.48 -15.31
C SER B 168 -3.97 -7.37 -15.07
N SER B 169 -3.95 -6.36 -15.93
CA SER B 169 -4.69 -5.14 -15.64
C SER B 169 -6.19 -5.34 -15.90
N TRP B 170 -7.01 -4.65 -15.11
CA TRP B 170 -8.44 -4.89 -15.11
C TRP B 170 -9.02 -4.62 -16.50
N PRO B 171 -10.12 -5.28 -16.86
CA PRO B 171 -10.70 -5.10 -18.19
C PRO B 171 -11.08 -3.65 -18.48
N ALA B 172 -11.15 -3.35 -19.78
CA ALA B 172 -11.44 -1.99 -20.24
C ALA B 172 -12.72 -1.43 -19.64
N SER B 173 -13.67 -2.31 -19.27
CA SER B 173 -14.98 -1.86 -18.79
C SER B 173 -14.91 -1.25 -17.38
N THR B 174 -13.83 -1.50 -16.64
CA THR B 174 -13.68 -0.89 -15.33
C THR B 174 -12.91 0.41 -15.37
N GLN B 175 -12.50 0.86 -16.56
CA GLN B 175 -11.57 1.98 -16.71
C GLN B 175 -12.03 3.21 -15.95
N GLU B 176 -13.28 3.61 -16.14
CA GLU B 176 -13.84 4.82 -15.54
C GLU B 176 -14.60 4.54 -14.25
N GLY B 177 -14.34 3.39 -13.62
CA GLY B 177 -15.03 3.00 -12.41
C GLY B 177 -14.17 3.24 -11.19
N LEU B 178 -14.69 2.79 -10.04
CA LEU B 178 -13.95 2.90 -8.79
C LEU B 178 -13.57 4.36 -8.55
N ARG B 179 -14.57 5.24 -8.68
CA ARG B 179 -14.34 6.69 -8.68
C ARG B 179 -14.18 7.22 -7.26
N ILE B 180 -13.12 6.72 -6.62
CA ILE B 180 -12.75 7.04 -5.26
C ILE B 180 -11.75 8.20 -5.18
N GLN B 181 -11.36 8.78 -6.32
CA GLN B 181 -10.26 9.74 -6.34
C GLN B 181 -10.49 10.88 -5.36
N ASN B 182 -11.72 11.35 -5.25
CA ASN B 182 -12.00 12.52 -4.40
C ASN B 182 -12.27 12.14 -2.96
N TRP B 183 -12.24 10.85 -2.65
CA TRP B 183 -12.46 10.36 -1.29
C TRP B 183 -11.23 9.65 -0.77
N LEU B 184 -10.74 8.62 -1.45
CA LEU B 184 -9.61 7.84 -0.95
C LEU B 184 -8.28 8.24 -1.56
N SER B 185 -8.30 8.96 -2.70
CA SER B 185 -7.20 9.58 -3.44
C SER B 185 -6.89 8.88 -4.76
N ALA B 186 -6.36 9.65 -5.72
CA ALA B 186 -5.91 9.03 -6.96
C ALA B 186 -4.77 8.04 -6.70
N LYS B 187 -3.89 8.35 -5.75
CA LYS B 187 -2.83 7.42 -5.38
C LYS B 187 -3.37 6.03 -5.04
N VAL B 188 -4.50 5.96 -4.34
CA VAL B 188 -5.03 4.66 -3.91
C VAL B 188 -5.74 3.94 -5.06
N ARG B 189 -6.40 4.68 -5.94
CA ARG B 189 -7.02 4.05 -7.10
C ARG B 189 -5.99 3.37 -7.98
N LYS B 190 -4.75 3.85 -7.97
CA LYS B 190 -3.73 3.23 -8.80
C LYS B 190 -3.19 1.97 -8.15
N GLN B 191 -2.94 2.03 -6.84
CA GLN B 191 -2.54 0.84 -6.11
C GLN B 191 -3.59 -0.26 -6.22
N LEU B 192 -4.86 0.07 -5.93
CA LEU B 192 -5.87 -0.97 -5.91
C LEU B 192 -6.06 -1.61 -7.27
N ARG B 193 -5.80 -0.87 -8.36
CA ARG B 193 -6.00 -1.43 -9.68
C ARG B 193 -4.84 -2.28 -10.17
N LEU B 194 -3.66 -2.15 -9.54
CA LEU B 194 -2.56 -3.07 -9.77
C LEU B 194 -2.81 -4.42 -9.13
N LYS B 195 -3.73 -4.49 -8.15
CA LYS B 195 -4.14 -5.74 -7.53
C LYS B 195 -4.83 -6.64 -8.55
N PRO B 196 -4.71 -7.96 -8.39
CA PRO B 196 -5.35 -8.87 -9.36
C PRO B 196 -6.86 -8.73 -9.33
N PHE B 197 -7.51 -9.24 -10.37
CA PHE B 197 -8.95 -9.39 -10.35
C PHE B 197 -9.31 -10.87 -10.41
N TYR B 198 -10.61 -11.13 -10.28
CA TYR B 198 -11.13 -12.46 -10.04
C TYR B 198 -12.44 -12.61 -10.78
N LEU B 199 -12.65 -13.79 -11.36
CA LEU B 199 -13.82 -14.08 -12.18
C LEU B 199 -14.54 -15.30 -11.64
N VAL B 200 -15.83 -15.14 -11.35
CA VAL B 200 -16.66 -16.25 -10.91
C VAL B 200 -17.71 -16.56 -11.98
N PRO B 201 -18.15 -17.82 -12.12
CA PRO B 201 -19.22 -18.12 -13.07
C PRO B 201 -20.50 -17.39 -12.71
N LYS B 202 -21.26 -17.03 -13.74
CA LYS B 202 -22.60 -16.44 -13.61
C LYS B 202 -23.16 -16.22 -14.99
N HIS B 203 -24.45 -16.55 -15.16
CA HIS B 203 -25.16 -16.35 -16.43
C HIS B 203 -25.57 -14.90 -16.64
N GLU B 212 -25.09 -20.14 -21.73
CA GLU B 212 -23.77 -19.66 -22.10
C GLU B 212 -22.80 -19.94 -20.96
N GLU B 213 -21.50 -19.87 -21.26
CA GLU B 213 -20.42 -20.13 -20.30
C GLU B 213 -19.66 -18.85 -20.00
N THR B 214 -20.33 -17.92 -19.32
CA THR B 214 -19.77 -16.61 -19.08
C THR B 214 -19.33 -16.45 -17.63
N TRP B 215 -18.49 -15.43 -17.41
CA TRP B 215 -17.89 -15.12 -16.12
C TRP B 215 -18.02 -13.65 -15.81
N ARG B 216 -18.24 -13.35 -14.54
CA ARG B 216 -18.41 -11.97 -14.10
C ARG B 216 -17.32 -11.65 -13.09
N LEU B 217 -16.93 -10.38 -12.99
CA LEU B 217 -15.84 -10.02 -12.10
C LEU B 217 -16.28 -10.10 -10.64
N SER B 218 -15.28 -10.19 -9.75
CA SER B 218 -15.54 -10.22 -8.31
C SER B 218 -14.52 -9.30 -7.67
N PHE B 219 -15.00 -8.31 -6.93
CA PHE B 219 -14.09 -7.33 -6.35
C PHE B 219 -14.11 -7.34 -4.83
N SER B 220 -14.63 -8.42 -4.23
CA SER B 220 -14.70 -8.51 -2.77
C SER B 220 -13.36 -8.22 -2.12
N HIS B 221 -12.25 -8.58 -2.77
CA HIS B 221 -10.98 -8.27 -2.13
C HIS B 221 -10.68 -6.79 -2.11
N ILE B 222 -11.33 -5.99 -2.95
CA ILE B 222 -11.19 -4.53 -2.93
C ILE B 222 -12.13 -3.88 -1.93
N GLU B 223 -13.42 -4.23 -2.00
CA GLU B 223 -14.34 -3.87 -0.92
C GLU B 223 -13.71 -4.09 0.45
N LYS B 224 -13.20 -5.30 0.70
CA LYS B 224 -12.56 -5.56 1.99
C LYS B 224 -11.46 -4.55 2.27
N GLU B 225 -10.66 -4.22 1.25
CA GLU B 225 -9.53 -3.34 1.49
C GLU B 225 -9.99 -1.91 1.73
N ILE B 226 -11.02 -1.45 1.02
CA ILE B 226 -11.54 -0.12 1.32
C ILE B 226 -12.11 -0.07 2.74
N LEU B 227 -12.83 -1.11 3.17
CA LEU B 227 -13.48 -1.04 4.47
C LEU B 227 -12.46 -0.92 5.61
N ASN B 228 -11.40 -1.72 5.58
CA ASN B 228 -10.41 -1.70 6.66
C ASN B 228 -9.51 -0.48 6.62
N ASN B 229 -9.75 0.43 5.69
CA ASN B 229 -8.97 1.65 5.50
C ASN B 229 -9.80 2.63 4.69
N HIS B 230 -10.73 3.34 5.34
CA HIS B 230 -11.91 3.87 4.68
C HIS B 230 -12.07 5.37 4.71
N GLY B 231 -11.18 6.12 5.36
CA GLY B 231 -11.38 7.54 5.55
C GLY B 231 -10.58 8.41 4.59
N LYS B 232 -11.01 9.67 4.44
CA LYS B 232 -10.12 10.60 3.77
C LYS B 232 -8.88 10.80 4.61
N SER B 233 -9.04 10.81 5.92
CA SER B 233 -7.87 10.86 6.79
C SER B 233 -7.22 9.49 6.89
N LYS B 234 -5.90 9.48 6.81
CA LYS B 234 -5.15 8.26 7.04
C LYS B 234 -5.32 7.72 8.45
N THR B 235 -5.89 8.50 9.37
CA THR B 235 -6.10 8.07 10.75
C THR B 235 -7.57 7.94 11.13
N CYS B 236 -8.49 7.89 10.17
CA CYS B 236 -9.88 7.64 10.48
C CYS B 236 -10.04 6.39 11.35
N CYS B 237 -10.68 6.57 12.50
CA CYS B 237 -11.02 5.49 13.44
C CYS B 237 -9.82 4.86 14.12
N GLU B 238 -8.67 5.54 14.15
CA GLU B 238 -7.52 5.05 14.91
C GLU B 238 -7.39 5.72 16.28
N ASN B 239 -8.24 6.72 16.56
CA ASN B 239 -8.25 7.42 17.83
C ASN B 239 -9.69 7.77 18.14
N LYS B 240 -10.02 7.83 19.44
CA LYS B 240 -11.42 7.97 19.84
C LYS B 240 -12.00 9.34 19.50
N GLU B 241 -11.16 10.35 19.31
CA GLU B 241 -11.61 11.68 18.91
C GLU B 241 -11.61 11.88 17.40
N GLU B 242 -11.78 10.78 16.64
CA GLU B 242 -11.75 10.79 15.18
C GLU B 242 -12.53 9.59 14.62
N LYS B 243 -13.75 9.35 15.11
CA LYS B 243 -14.47 8.11 14.85
C LYS B 243 -15.61 8.35 13.88
N CYS B 244 -15.62 7.62 12.78
CA CYS B 244 -16.66 7.76 11.77
C CYS B 244 -17.64 6.59 11.87
N CYS B 245 -18.75 6.70 11.12
CA CYS B 245 -19.79 5.67 11.10
C CYS B 245 -19.97 5.07 9.71
N ARG B 246 -18.92 5.04 8.93
CA ARG B 246 -19.03 4.41 7.63
C ARG B 246 -19.32 2.91 7.78
N LYS B 247 -18.47 2.18 8.51
CA LYS B 247 -18.69 0.75 8.68
C LYS B 247 -20.06 0.47 9.27
N ASP B 248 -20.49 1.27 10.23
CA ASP B 248 -21.78 1.03 10.88
C ASP B 248 -22.95 1.22 9.91
N CYS B 249 -22.87 2.21 9.02
CA CYS B 249 -23.97 2.37 8.07
C CYS B 249 -24.04 1.22 7.09
N LEU B 250 -22.90 0.63 6.76
CA LEU B 250 -22.95 -0.55 5.91
C LEU B 250 -23.57 -1.74 6.64
N LYS B 251 -23.26 -1.90 7.94
CA LYS B 251 -23.78 -3.04 8.68
C LYS B 251 -25.29 -2.92 8.88
N LEU B 252 -25.77 -1.71 9.20
CA LEU B 252 -27.20 -1.53 9.36
C LEU B 252 -27.95 -1.79 8.05
N MET B 253 -27.42 -1.28 6.94
CA MET B 253 -28.05 -1.50 5.65
C MET B 253 -28.10 -2.97 5.27
N LYS B 254 -26.96 -3.68 5.39
CA LYS B 254 -26.95 -5.11 5.10
C LYS B 254 -27.93 -5.87 5.99
N TYR B 255 -28.04 -5.48 7.26
CA TYR B 255 -28.96 -6.14 8.17
C TYR B 255 -30.40 -5.91 7.73
N LEU B 256 -30.76 -4.64 7.50
CA LEU B 256 -32.10 -4.29 7.04
C LEU B 256 -32.54 -5.18 5.88
N LEU B 257 -31.77 -5.16 4.79
CA LEU B 257 -32.06 -6.04 3.67
C LEU B 257 -32.02 -7.51 4.10
N GLU B 258 -31.08 -7.88 4.99
CA GLU B 258 -31.08 -9.27 5.44
C GLU B 258 -32.40 -9.60 6.14
N GLN B 259 -32.90 -8.67 6.95
CA GLN B 259 -34.09 -8.91 7.77
C GLN B 259 -35.37 -8.83 6.96
N LEU B 260 -35.43 -7.92 5.99
CA LEU B 260 -36.58 -7.88 5.09
C LEU B 260 -36.67 -9.17 4.27
N LYS B 261 -35.53 -9.64 3.75
CA LYS B 261 -35.51 -10.89 3.01
C LYS B 261 -35.98 -12.05 3.87
N GLU B 262 -35.57 -12.08 5.14
CA GLU B 262 -36.04 -13.13 6.04
C GLU B 262 -37.54 -13.06 6.19
N ARG B 263 -38.06 -11.85 6.46
CA ARG B 263 -39.49 -11.70 6.72
C ARG B 263 -40.31 -12.18 5.54
N PHE B 264 -39.90 -11.80 4.33
CA PHE B 264 -40.68 -12.09 3.13
C PHE B 264 -40.07 -13.23 2.28
N LYS B 265 -39.42 -14.22 2.92
CA LYS B 265 -38.96 -15.37 2.15
C LYS B 265 -40.11 -16.11 1.48
N ASP B 266 -41.29 -16.17 2.14
CA ASP B 266 -42.47 -16.77 1.54
C ASP B 266 -42.73 -16.23 0.14
N LYS B 267 -42.78 -14.90 0.01
CA LYS B 267 -42.94 -14.24 -1.28
C LYS B 267 -41.68 -14.41 -2.13
N LYS B 268 -41.74 -13.93 -3.38
CA LYS B 268 -40.59 -13.98 -4.27
C LYS B 268 -39.97 -12.61 -4.51
N HIS B 269 -40.56 -11.54 -3.97
CA HIS B 269 -40.28 -10.18 -4.47
C HIS B 269 -38.82 -9.78 -4.29
N LEU B 270 -38.17 -10.24 -3.21
CA LEU B 270 -36.82 -9.82 -2.87
C LEU B 270 -35.78 -10.89 -3.19
N ASP B 271 -36.15 -11.92 -3.96
CA ASP B 271 -35.22 -13.00 -4.29
C ASP B 271 -33.96 -12.49 -4.99
N LYS B 272 -34.08 -11.40 -5.75
CA LYS B 272 -33.02 -10.88 -6.60
C LYS B 272 -32.04 -9.97 -5.88
N PHE B 273 -32.32 -9.52 -4.66
CA PHE B 273 -31.46 -8.55 -3.99
C PHE B 273 -30.49 -9.27 -3.06
N SER B 274 -29.24 -8.85 -3.08
CA SER B 274 -28.18 -9.40 -2.23
C SER B 274 -27.46 -8.26 -1.54
N SER B 275 -26.51 -8.61 -0.67
CA SER B 275 -25.69 -7.56 -0.08
C SER B 275 -24.91 -6.81 -1.14
N TYR B 276 -24.80 -7.38 -2.33
CA TYR B 276 -24.06 -6.73 -3.39
C TYR B 276 -24.70 -5.42 -3.79
N HIS B 277 -26.03 -5.32 -3.65
CA HIS B 277 -26.75 -4.10 -4.02
C HIS B 277 -26.64 -3.03 -2.95
N VAL B 278 -26.67 -3.44 -1.68
CA VAL B 278 -26.50 -2.49 -0.58
C VAL B 278 -25.09 -1.95 -0.58
N LYS B 279 -24.11 -2.83 -0.76
CA LYS B 279 -22.72 -2.39 -0.77
C LYS B 279 -22.46 -1.43 -1.92
N THR B 280 -22.87 -1.79 -3.13
CA THR B 280 -22.69 -0.90 -4.27
C THR B 280 -23.28 0.46 -3.96
N ALA B 281 -24.49 0.49 -3.41
CA ALA B 281 -25.12 1.79 -3.16
C ALA B 281 -24.42 2.54 -2.04
N PHE B 282 -23.91 1.83 -1.03
CA PHE B 282 -23.20 2.50 0.04
C PHE B 282 -21.96 3.23 -0.47
N PHE B 283 -21.17 2.55 -1.31
CA PHE B 283 -19.93 3.16 -1.84
C PHE B 283 -20.22 4.37 -2.72
N HIS B 284 -21.38 4.39 -3.38
CA HIS B 284 -21.78 5.59 -4.11
C HIS B 284 -22.02 6.77 -3.15
N VAL B 285 -22.59 6.48 -1.98
CA VAL B 285 -22.75 7.50 -0.95
C VAL B 285 -21.40 7.97 -0.43
N CYS B 286 -20.42 7.06 -0.33
CA CYS B 286 -19.08 7.47 0.10
C CYS B 286 -18.44 8.40 -0.92
N THR B 287 -18.63 8.13 -2.21
CA THR B 287 -18.12 9.00 -3.26
C THR B 287 -18.83 10.35 -3.25
N GLN B 288 -20.12 10.37 -2.91
CA GLN B 288 -20.83 11.64 -2.81
C GLN B 288 -20.51 12.41 -1.52
N ASN B 289 -20.03 11.71 -0.49
CA ASN B 289 -19.78 12.31 0.82
C ASN B 289 -18.39 11.90 1.26
N PRO B 290 -17.36 12.49 0.66
CA PRO B 290 -16.00 11.97 0.84
C PRO B 290 -15.33 12.44 2.08
N GLN B 291 -15.83 13.49 2.72
CA GLN B 291 -15.21 14.03 3.92
C GLN B 291 -15.60 13.23 5.15
N ASP B 292 -14.65 13.11 6.08
CA ASP B 292 -14.96 12.36 7.29
C ASP B 292 -15.93 13.09 8.20
N SER B 293 -16.04 14.43 8.09
CA SER B 293 -16.94 15.16 8.98
C SER B 293 -18.40 15.01 8.60
N GLN B 294 -18.67 14.44 7.43
CA GLN B 294 -20.00 14.00 7.05
C GLN B 294 -20.32 12.62 7.59
N TRP B 295 -19.39 12.01 8.33
CA TRP B 295 -19.66 10.70 8.90
C TRP B 295 -19.35 10.66 10.38
N ASP B 296 -19.43 11.80 11.07
CA ASP B 296 -19.16 11.80 12.51
C ASP B 296 -19.98 10.71 13.20
N ARG B 297 -19.37 10.04 14.20
CA ARG B 297 -20.05 8.95 14.91
C ARG B 297 -21.35 9.43 15.55
N LYS B 298 -21.38 10.69 16.03
CA LYS B 298 -22.58 11.25 16.64
C LYS B 298 -23.68 11.56 15.64
N ASP B 299 -23.37 11.75 14.36
CA ASP B 299 -24.41 11.96 13.35
C ASP B 299 -24.92 10.65 12.77
N LEU B 300 -24.87 9.55 13.52
CA LEU B 300 -25.15 8.26 12.91
C LEU B 300 -26.57 8.18 12.35
N GLY B 301 -27.53 8.83 13.01
CA GLY B 301 -28.89 8.74 12.53
C GLY B 301 -29.07 9.41 11.19
N LEU B 302 -28.49 10.60 11.03
CA LEU B 302 -28.56 11.28 9.74
C LEU B 302 -27.91 10.43 8.67
N CYS B 303 -26.70 9.93 8.96
CA CYS B 303 -25.89 9.26 7.96
C CYS B 303 -26.64 8.07 7.39
N PHE B 304 -27.22 7.27 8.27
CA PHE B 304 -27.98 6.09 7.85
C PHE B 304 -29.19 6.46 7.00
N ASP B 305 -29.89 7.54 7.34
CA ASP B 305 -31.03 7.93 6.51
C ASP B 305 -30.55 8.26 5.11
N ASN B 306 -29.45 9.01 5.03
CA ASN B 306 -28.88 9.38 3.74
C ASN B 306 -28.57 8.15 2.92
N CYS B 307 -28.15 7.07 3.58
CA CYS B 307 -27.98 5.78 2.91
C CYS B 307 -29.32 5.20 2.50
N VAL B 308 -30.27 5.08 3.44
CA VAL B 308 -31.57 4.53 3.08
C VAL B 308 -32.16 5.33 1.93
N THR B 309 -32.19 6.65 2.09
CA THR B 309 -32.74 7.52 1.08
C THR B 309 -32.14 7.28 -0.31
N TYR B 310 -30.80 7.20 -0.40
CA TYR B 310 -30.15 6.94 -1.69
C TYR B 310 -30.65 5.64 -2.31
N PHE B 311 -30.41 4.53 -1.62
CA PHE B 311 -30.90 3.23 -2.07
C PHE B 311 -32.32 3.32 -2.60
N LEU B 312 -33.21 4.00 -1.87
CA LEU B 312 -34.60 4.18 -2.31
C LEU B 312 -34.66 4.95 -3.63
N GLN B 313 -33.88 6.01 -3.75
CA GLN B 313 -33.91 6.74 -5.00
C GLN B 313 -33.50 5.85 -6.15
N CYS B 314 -32.54 4.97 -5.90
CA CYS B 314 -32.12 4.06 -6.97
C CYS B 314 -33.24 3.12 -7.36
N LEU B 315 -33.96 2.58 -6.37
CA LEU B 315 -35.08 1.69 -6.69
C LEU B 315 -36.15 2.42 -7.49
N ARG B 316 -36.59 3.60 -7.03
CA ARG B 316 -37.67 4.32 -7.72
C ARG B 316 -37.33 4.60 -9.17
N THR B 317 -36.10 5.04 -9.42
CA THR B 317 -35.63 5.46 -10.74
C THR B 317 -34.96 4.36 -11.52
N GLU B 318 -34.88 3.15 -10.96
CA GLU B 318 -34.37 1.97 -11.66
C GLU B 318 -32.97 2.21 -12.23
N LYS B 319 -32.10 2.80 -11.40
CA LYS B 319 -30.72 3.08 -11.83
C LYS B 319 -29.81 2.95 -10.61
N LEU B 320 -28.97 1.92 -10.63
CA LEU B 320 -27.88 1.78 -9.67
C LEU B 320 -26.68 1.37 -10.48
N GLU B 321 -25.64 2.21 -10.49
CA GLU B 321 -24.44 1.92 -11.26
C GLU B 321 -23.53 0.97 -10.51
N ASN B 322 -23.04 -0.06 -11.20
CA ASN B 322 -22.01 -0.89 -10.59
C ASN B 322 -20.81 0.00 -10.27
N TYR B 323 -20.30 -0.12 -9.05
CA TYR B 323 -19.25 0.79 -8.60
C TYR B 323 -17.97 0.64 -9.40
N PHE B 324 -17.80 -0.48 -10.11
CA PHE B 324 -16.57 -0.80 -10.81
C PHE B 324 -16.72 -0.76 -12.31
N ILE B 325 -17.80 -1.36 -12.82
CA ILE B 325 -18.19 -1.20 -14.21
C ILE B 325 -19.28 -0.16 -14.24
N PRO B 326 -19.01 1.06 -14.68
CA PRO B 326 -20.01 2.13 -14.52
C PRO B 326 -21.21 2.03 -15.46
N GLU B 327 -21.06 1.43 -16.64
CA GLU B 327 -22.20 1.40 -17.56
C GLU B 327 -23.13 0.23 -17.29
N PHE B 328 -22.89 -0.54 -16.24
CA PHE B 328 -23.70 -1.71 -15.91
C PHE B 328 -24.63 -1.33 -14.77
N ASN B 329 -25.92 -1.35 -15.06
CA ASN B 329 -26.96 -0.93 -14.13
C ASN B 329 -27.57 -2.16 -13.45
N LEU B 330 -27.40 -2.24 -12.13
CA LEU B 330 -27.92 -3.35 -11.33
C LEU B 330 -29.46 -3.35 -11.23
N PHE B 331 -30.12 -2.24 -11.52
CA PHE B 331 -31.55 -2.10 -11.26
C PHE B 331 -32.39 -1.92 -12.51
N SER B 332 -31.79 -2.01 -13.69
CA SER B 332 -32.53 -1.83 -14.94
C SER B 332 -33.73 -2.76 -14.97
N SER B 333 -34.77 -2.41 -15.73
CA SER B 333 -36.00 -3.20 -15.63
C SER B 333 -35.80 -4.61 -16.17
N ASN B 334 -34.73 -4.86 -16.93
CA ASN B 334 -34.47 -6.20 -17.45
C ASN B 334 -33.86 -7.10 -16.40
N LEU B 335 -33.16 -6.54 -15.41
CA LEU B 335 -32.53 -7.36 -14.40
C LEU B 335 -33.45 -7.64 -13.22
N ILE B 336 -34.26 -6.65 -12.85
CA ILE B 336 -35.21 -6.78 -11.75
C ILE B 336 -36.47 -6.03 -12.17
N ASP B 337 -37.61 -6.72 -12.20
CA ASP B 337 -38.85 -6.10 -12.64
C ASP B 337 -39.32 -5.04 -11.63
N LYS B 338 -40.08 -4.06 -12.14
CA LYS B 338 -40.42 -2.91 -11.31
C LYS B 338 -41.30 -3.31 -10.13
N ARG B 339 -42.11 -4.36 -10.28
CA ARG B 339 -42.93 -4.84 -9.17
C ARG B 339 -42.08 -5.12 -7.94
N SER B 340 -40.91 -5.71 -8.12
CA SER B 340 -40.07 -6.09 -6.99
C SER B 340 -39.40 -4.88 -6.36
N LYS B 341 -39.05 -3.88 -7.17
CA LYS B 341 -38.38 -2.72 -6.59
C LYS B 341 -39.39 -1.81 -5.91
N GLU B 342 -40.63 -1.81 -6.40
CA GLU B 342 -41.68 -1.08 -5.70
C GLU B 342 -42.06 -1.77 -4.40
N PHE B 343 -42.01 -3.11 -4.36
CA PHE B 343 -42.21 -3.81 -3.10
C PHE B 343 -41.09 -3.48 -2.11
N LEU B 344 -39.83 -3.72 -2.50
CA LEU B 344 -38.73 -3.39 -1.61
C LEU B 344 -38.80 -1.94 -1.16
N THR B 345 -39.15 -1.02 -2.07
CA THR B 345 -39.29 0.38 -1.70
C THR B 345 -40.27 0.54 -0.55
N LYS B 346 -41.51 0.11 -0.77
CA LYS B 346 -42.58 0.37 0.19
C LYS B 346 -42.34 -0.32 1.54
N GLN B 347 -41.55 -1.40 1.58
CA GLN B 347 -41.21 -1.97 2.87
C GLN B 347 -40.19 -1.10 3.60
N ILE B 348 -39.17 -0.61 2.90
CA ILE B 348 -38.18 0.22 3.54
C ILE B 348 -38.79 1.54 3.99
N GLU B 349 -39.61 2.16 3.13
CA GLU B 349 -40.26 3.42 3.51
C GLU B 349 -41.10 3.23 4.77
N TYR B 350 -41.70 2.04 4.92
CA TYR B 350 -42.52 1.76 6.09
C TYR B 350 -41.67 1.60 7.33
N GLU B 351 -40.65 0.74 7.25
CA GLU B 351 -39.69 0.61 8.35
C GLU B 351 -39.18 1.97 8.78
N ARG B 352 -38.64 2.74 7.84
CA ARG B 352 -38.10 4.05 8.21
C ARG B 352 -39.14 4.87 8.94
N ASN B 353 -40.39 4.83 8.47
CA ASN B 353 -41.46 5.59 9.10
C ASN B 353 -41.89 5.05 10.46
N ASN B 354 -41.51 3.83 10.84
CA ASN B 354 -41.87 3.33 12.17
C ASN B 354 -40.63 2.94 12.98
N GLU B 355 -39.55 3.73 12.86
CA GLU B 355 -38.32 3.53 13.63
C GLU B 355 -37.79 2.12 13.51
N PHE B 356 -37.98 1.51 12.35
CA PHE B 356 -37.33 0.25 11.98
C PHE B 356 -37.66 -0.92 12.89
N PRO B 357 -38.91 -1.38 12.92
CA PRO B 357 -39.24 -2.52 13.81
C PRO B 357 -38.55 -3.80 13.41
N VAL B 358 -38.07 -3.94 12.18
CA VAL B 358 -37.56 -5.22 11.69
C VAL B 358 -36.24 -5.54 12.37
N PHE B 359 -35.77 -4.60 13.18
CA PHE B 359 -34.49 -4.79 13.86
C PHE B 359 -34.61 -5.65 15.11
N ASP B 360 -35.78 -5.69 15.74
CA ASP B 360 -35.95 -6.47 16.98
C ASP B 360 -36.66 -7.81 16.74
ZN ZN C . 0.96 18.00 0.89
C10 YPU D . 24.10 6.77 10.33
C11 YPU D . 23.44 7.19 9.18
C13 YPU D . 24.09 8.10 8.22
C17 YPU D . 25.37 8.68 8.26
C18 YPU D . 24.35 10.09 5.23
C21 YPU D . 17.24 8.80 7.60
C22 YPU D . 16.62 9.44 6.56
C24 YPU D . 16.82 9.07 5.25
C25 YPU D . 17.70 8.04 4.97
C12 YPU D . 22.15 6.75 8.94
C14 YPU D . 23.55 8.56 7.05
C2 YPU D . 18.36 7.37 6.00
C3 YPU D . 18.14 7.77 7.34
C4 YPU D . 18.75 7.17 8.57
C6 YPU D . 20.10 5.42 9.54
C7 YPU D . 21.50 5.90 9.83
C8 YPU D . 22.19 5.50 10.95
C9 YPU D . 23.47 5.93 11.23
F19 YPU D . 21.57 4.66 11.82
N15 YPU D . 24.47 9.34 6.48
N16 YPU D . 25.61 9.43 7.21
N5 YPU D . 19.58 6.16 8.39
O1 YPU D . 19.22 6.37 5.69
O20 YPU D . 18.47 7.61 9.68
BR23 YPU D . 15.37 10.82 6.95
ZN ZN E . -13.69 5.74 10.01
C10 YPU F . -22.57 -8.75 -11.30
C11 YPU F . -22.05 -8.87 -10.01
C13 YPU F . -22.77 -9.63 -8.98
C17 YPU F . -23.99 -10.29 -9.02
C18 YPU F . -23.25 -10.98 -5.66
C21 YPU F . -18.90 -4.94 -5.90
C22 YPU F . -18.70 -4.99 -4.53
C24 YPU F . -18.26 -6.11 -3.88
C25 YPU F . -17.99 -7.25 -4.63
C12 YPU F . -20.82 -8.28 -9.71
C14 YPU F . -22.34 -9.81 -7.69
C2 YPU F . -18.16 -7.25 -6.01
C3 YPU F . -18.63 -6.08 -6.66
C4 YPU F . -18.88 -5.91 -8.12
C6 YPU F . -18.80 -6.93 -10.34
C7 YPU F . -20.12 -7.57 -10.68
C8 YPU F . -20.68 -7.48 -11.93
C9 YPU F . -21.88 -8.04 -12.26
F19 YPU F . -19.99 -6.79 -12.87
N15 YPU F . -23.26 -10.53 -7.05
N16 YPU F . -24.31 -10.84 -7.86
N5 YPU F . -18.60 -6.97 -8.89
O1 YPU F . -17.89 -8.40 -6.69
O20 YPU F . -19.28 -4.84 -8.57
BR23 YPU F . -19.08 -3.42 -3.50
#